data_2PD3
#
_entry.id   2PD3
#
_cell.length_a   73.353
_cell.length_b   94.911
_cell.length_c   75.376
_cell.angle_alpha   90.00
_cell.angle_beta   106.21
_cell.angle_gamma   90.00
#
_symmetry.space_group_name_H-M   'P 1 21 1'
#
loop_
_entity.id
_entity.type
_entity.pdbx_description
1 polymer 'Enoyl-[acyl-carrier-protein] reductase [NADH]'
2 non-polymer NICOTINAMIDE-ADENINE-DINUCLEOTIDE
3 non-polymer TRICLOSAN
4 water water
#
_entity_poly.entity_id   1
_entity_poly.type   'polypeptide(L)'
_entity_poly.pdbx_seq_one_letter_code
;MGFLKGKKGLIVGVANNKSIAYGIAQSCFNQGATLAFTYLNESLEKRVRPIAQELNSPYVYELDVSKEEHFKSLYNSVKK
DLGSLDFIVHSVAFAPKEALEGSLLETSKSAFNTAMEISVYSLIELTNTLKPLLNNGASVLTLSYLGSTKYMAHYNVMGL
AKAALESAVRYLAVDLGKHHIRVNALSAGPIRTLASSGIADFRMILKWNEINAPLRKNVSLEEVGNAGMYLLSSLSSGVS
GEVHFVDAGYHVMGMGAVEEKDNKATLLWDLHKEQ
;
_entity_poly.pdbx_strand_id   A,B,C,D
#
loop_
_chem_comp.id
_chem_comp.type
_chem_comp.name
_chem_comp.formula
NAD non-polymer NICOTINAMIDE-ADENINE-DINUCLEOTIDE 'C21 H27 N7 O14 P2'
TCL non-polymer TRICLOSAN 'C12 H7 Cl3 O2'
#
# COMPACT_ATOMS: atom_id res chain seq x y z
N GLY A 2 16.34 -30.32 -10.55
CA GLY A 2 15.54 -29.42 -9.69
C GLY A 2 16.22 -28.08 -9.45
N PHE A 3 15.44 -27.05 -9.16
CA PHE A 3 16.03 -25.73 -8.93
C PHE A 3 16.58 -25.50 -7.53
N LEU A 4 16.87 -26.60 -6.85
CA LEU A 4 17.39 -26.53 -5.51
C LEU A 4 18.34 -27.69 -5.26
N LYS A 5 18.70 -28.38 -6.34
CA LYS A 5 19.62 -29.51 -6.26
C LYS A 5 20.94 -29.05 -5.63
N GLY A 6 21.41 -29.79 -4.65
CA GLY A 6 22.65 -29.44 -3.97
C GLY A 6 22.52 -28.22 -3.08
N LYS A 7 21.29 -27.74 -2.87
CA LYS A 7 21.05 -26.57 -2.02
C LYS A 7 20.64 -27.03 -0.62
N LYS A 8 21.27 -26.44 0.39
CA LYS A 8 21.00 -26.81 1.80
C LYS A 8 20.13 -25.78 2.54
N GLY A 9 18.99 -26.24 3.06
CA GLY A 9 18.09 -25.36 3.78
C GLY A 9 17.68 -25.85 5.17
N LEU A 10 17.40 -24.91 6.07
CA LEU A 10 16.97 -25.23 7.42
C LEU A 10 15.48 -24.90 7.55
N ILE A 11 14.67 -25.89 7.91
CA ILE A 11 13.22 -25.70 8.06
C ILE A 11 12.77 -25.55 9.53
N VAL A 12 12.39 -24.33 9.91
CA VAL A 12 11.92 -24.06 11.27
C VAL A 12 10.39 -23.91 11.29
N GLY A 13 9.72 -24.69 12.13
CA GLY A 13 8.28 -24.55 12.22
C GLY A 13 7.39 -25.77 11.99
N VAL A 14 7.99 -26.93 11.75
CA VAL A 14 7.22 -28.14 11.50
C VAL A 14 6.59 -28.73 12.77
N ALA A 15 5.27 -28.88 12.76
CA ALA A 15 4.53 -29.43 13.90
C ALA A 15 3.99 -30.80 13.50
N ASN A 16 3.51 -30.90 12.27
CA ASN A 16 2.99 -32.14 11.72
C ASN A 16 3.04 -32.03 10.19
N ASN A 17 2.35 -32.92 9.48
CA ASN A 17 2.39 -32.91 8.02
C ASN A 17 1.42 -31.93 7.36
N LYS A 18 0.77 -31.09 8.16
CA LYS A 18 -0.17 -30.11 7.62
C LYS A 18 0.41 -28.70 7.77
N SER A 19 1.50 -28.61 8.53
CA SER A 19 2.18 -27.36 8.77
C SER A 19 2.58 -26.74 7.43
N ILE A 20 2.52 -25.42 7.35
CA ILE A 20 2.91 -24.70 6.14
C ILE A 20 4.37 -25.01 5.84
N ALA A 21 5.17 -25.02 6.91
CA ALA A 21 6.59 -25.27 6.81
C ALA A 21 6.92 -26.59 6.13
N TYR A 22 6.02 -27.57 6.29
CA TYR A 22 6.21 -28.88 5.68
C TYR A 22 5.90 -28.82 4.20
N GLY A 23 4.79 -28.16 3.86
CA GLY A 23 4.40 -28.02 2.46
C GLY A 23 5.54 -27.43 1.68
N ILE A 24 6.14 -26.38 2.23
CA ILE A 24 7.26 -25.73 1.57
C ILE A 24 8.45 -26.66 1.51
N ALA A 25 8.58 -27.48 2.55
CA ALA A 25 9.68 -28.45 2.65
C ALA A 25 9.48 -29.53 1.58
N GLN A 26 8.25 -30.01 1.47
CA GLN A 26 7.91 -31.03 0.51
C GLN A 26 8.31 -30.55 -0.88
N SER A 27 7.86 -29.35 -1.23
CA SER A 27 8.14 -28.74 -2.53
C SER A 27 9.63 -28.55 -2.79
N CYS A 28 10.36 -28.09 -1.78
CA CYS A 28 11.81 -27.89 -1.94
C CYS A 28 12.50 -29.23 -2.12
N PHE A 29 11.91 -30.28 -1.54
CA PHE A 29 12.47 -31.62 -1.62
C PHE A 29 12.48 -32.14 -3.07
N ASN A 30 11.32 -32.04 -3.71
CA ASN A 30 11.15 -32.47 -5.09
C ASN A 30 12.08 -31.69 -6.02
N GLN A 31 12.67 -30.62 -5.51
CA GLN A 31 13.58 -29.81 -6.29
C GLN A 31 15.05 -30.09 -6.01
N GLY A 32 15.30 -31.15 -5.23
CA GLY A 32 16.67 -31.54 -4.93
C GLY A 32 17.37 -30.92 -3.74
N ALA A 33 16.62 -30.22 -2.87
CA ALA A 33 17.23 -29.58 -1.71
C ALA A 33 17.49 -30.55 -0.57
N THR A 34 18.61 -30.34 0.12
CA THR A 34 18.97 -31.16 1.26
C THR A 34 18.25 -30.45 2.43
N LEU A 35 17.43 -31.18 3.17
CA LEU A 35 16.70 -30.56 4.27
C LEU A 35 17.17 -30.85 5.69
N ALA A 36 16.93 -29.88 6.57
CA ALA A 36 17.27 -29.95 8.00
C ALA A 36 16.06 -29.36 8.76
N PHE A 37 15.61 -30.05 9.81
CA PHE A 37 14.46 -29.60 10.58
C PHE A 37 14.73 -29.32 12.05
N THR A 38 13.85 -28.52 12.63
CA THR A 38 13.92 -28.18 14.05
C THR A 38 12.58 -28.46 14.71
N TYR A 39 12.62 -28.85 15.98
CA TYR A 39 11.38 -29.09 16.70
C TYR A 39 11.41 -28.26 17.98
N LEU A 40 10.24 -27.95 18.51
CA LEU A 40 10.10 -27.14 19.72
C LEU A 40 10.44 -27.92 21.00
N ASN A 41 9.77 -29.05 21.18
CA ASN A 41 9.99 -29.89 22.35
C ASN A 41 10.04 -31.35 21.90
N GLU A 42 10.33 -32.25 22.84
CA GLU A 42 10.40 -33.66 22.51
C GLU A 42 9.08 -34.18 21.98
N SER A 43 7.97 -33.64 22.48
CA SER A 43 6.66 -34.07 22.02
C SER A 43 6.54 -33.88 20.51
N LEU A 44 6.98 -32.73 20.01
CA LEU A 44 6.92 -32.44 18.58
C LEU A 44 7.94 -33.23 17.79
N GLU A 45 9.06 -33.56 18.43
CA GLU A 45 10.10 -34.35 17.76
C GLU A 45 9.53 -35.70 17.36
N LYS A 46 8.46 -36.13 18.05
CA LYS A 46 7.80 -37.39 17.77
C LYS A 46 7.08 -37.34 16.43
N ARG A 47 6.91 -36.13 15.90
CA ARG A 47 6.24 -35.94 14.62
C ARG A 47 7.18 -35.39 13.56
N VAL A 48 8.14 -34.58 14.00
CA VAL A 48 9.12 -34.00 13.09
C VAL A 48 10.11 -35.06 12.61
N ARG A 49 10.40 -36.06 13.45
CA ARG A 49 11.34 -37.15 13.14
C ARG A 49 11.03 -37.95 11.87
N PRO A 50 9.90 -38.68 11.83
CA PRO A 50 9.57 -39.45 10.63
C PRO A 50 9.49 -38.58 9.40
N ILE A 51 8.96 -37.37 9.57
CA ILE A 51 8.83 -36.44 8.45
C ILE A 51 10.19 -36.16 7.85
N ALA A 52 11.15 -35.81 8.69
CA ALA A 52 12.49 -35.55 8.20
C ALA A 52 12.96 -36.79 7.47
N GLN A 53 12.76 -37.96 8.07
CA GLN A 53 13.17 -39.22 7.45
C GLN A 53 12.44 -39.43 6.14
N GLU A 54 11.16 -39.11 6.11
CA GLU A 54 10.35 -39.27 4.91
C GLU A 54 10.91 -38.41 3.76
N LEU A 55 11.53 -37.29 4.12
CA LEU A 55 12.11 -36.38 3.14
C LEU A 55 13.62 -36.47 3.07
N ASN A 56 14.15 -37.64 3.39
CA ASN A 56 15.60 -37.88 3.33
C ASN A 56 16.47 -37.11 4.31
N SER A 57 15.91 -36.62 5.41
CA SER A 57 16.75 -35.85 6.33
C SER A 57 17.11 -36.50 7.68
N PRO A 58 18.42 -36.54 8.01
CA PRO A 58 18.92 -37.12 9.26
C PRO A 58 19.34 -35.97 10.19
N TYR A 59 19.23 -34.73 9.71
CA TYR A 59 19.61 -33.55 10.48
C TYR A 59 18.39 -32.91 11.15
N VAL A 60 18.11 -33.37 12.36
CA VAL A 60 16.99 -32.85 13.13
C VAL A 60 17.54 -32.20 14.40
N TYR A 61 17.17 -30.94 14.64
CA TYR A 61 17.67 -30.22 15.81
C TYR A 61 16.57 -29.60 16.70
N GLU A 62 16.90 -29.36 17.97
CA GLU A 62 15.95 -28.77 18.91
C GLU A 62 16.05 -27.25 18.84
N LEU A 63 14.90 -26.60 18.88
CA LEU A 63 14.88 -25.18 18.80
C LEU A 63 13.59 -24.52 19.29
N ASP A 64 13.71 -23.88 20.45
CA ASP A 64 12.61 -23.13 21.06
C ASP A 64 13.17 -21.72 21.04
N VAL A 65 12.59 -20.91 20.17
CA VAL A 65 13.04 -19.53 19.98
C VAL A 65 13.09 -18.65 21.22
N SER A 66 12.45 -19.09 22.30
CA SER A 66 12.46 -18.32 23.55
C SER A 66 13.70 -18.68 24.38
N LYS A 67 14.43 -19.71 23.94
CA LYS A 67 15.65 -20.16 24.61
C LYS A 67 16.86 -19.79 23.78
N GLU A 68 17.55 -18.73 24.18
CA GLU A 68 18.73 -18.26 23.47
C GLU A 68 19.91 -19.23 23.31
N GLU A 69 20.11 -20.13 24.28
CA GLU A 69 21.21 -21.07 24.20
C GLU A 69 20.93 -22.14 23.12
N HIS A 70 19.67 -22.33 22.78
CA HIS A 70 19.31 -23.28 21.73
C HIS A 70 19.92 -22.82 20.41
N PHE A 71 19.88 -21.52 20.17
CA PHE A 71 20.42 -20.92 18.95
C PHE A 71 21.90 -21.18 18.73
N LYS A 72 22.69 -21.15 19.80
CA LYS A 72 24.13 -21.41 19.67
C LYS A 72 24.34 -22.89 19.30
N SER A 73 23.48 -23.77 19.81
CA SER A 73 23.56 -25.18 19.52
C SER A 73 23.18 -25.42 18.06
N LEU A 74 22.10 -24.78 17.62
CA LEU A 74 21.64 -24.89 16.23
C LEU A 74 22.86 -24.64 15.36
N TYR A 75 23.45 -23.45 15.54
CA TYR A 75 24.64 -23.04 14.80
C TYR A 75 25.65 -24.18 14.74
N ASN A 76 26.26 -24.52 15.88
CA ASN A 76 27.24 -25.60 15.95
C ASN A 76 26.73 -26.88 15.26
N SER A 77 25.45 -27.19 15.42
CA SER A 77 24.87 -28.39 14.83
C SER A 77 24.91 -28.41 13.29
N VAL A 78 24.49 -27.31 12.65
CA VAL A 78 24.50 -27.28 11.19
C VAL A 78 25.91 -27.01 10.66
N LYS A 79 26.70 -26.23 11.40
CA LYS A 79 28.07 -25.91 10.98
C LYS A 79 28.89 -27.19 10.91
N LYS A 80 28.52 -28.17 11.74
CA LYS A 80 29.20 -29.45 11.81
C LYS A 80 28.61 -30.47 10.83
N ASP A 81 27.30 -30.44 10.69
CA ASP A 81 26.61 -31.38 9.80
C ASP A 81 26.58 -30.97 8.33
N LEU A 82 26.25 -29.71 8.07
CA LEU A 82 26.11 -29.20 6.71
C LEU A 82 27.14 -28.17 6.28
N GLY A 83 27.84 -27.57 7.23
CA GLY A 83 28.85 -26.60 6.88
C GLY A 83 28.33 -25.27 6.36
N SER A 84 27.23 -25.29 5.63
CA SER A 84 26.68 -24.06 5.09
C SER A 84 25.18 -24.18 4.91
N LEU A 85 24.54 -23.02 4.73
CA LEU A 85 23.10 -22.96 4.52
C LEU A 85 22.80 -22.07 3.31
N ASP A 86 21.85 -22.49 2.48
CA ASP A 86 21.49 -21.72 1.28
C ASP A 86 20.14 -21.08 1.46
N PHE A 87 19.34 -21.66 2.34
CA PHE A 87 18.03 -21.09 2.57
C PHE A 87 17.43 -21.49 3.89
N ILE A 88 16.83 -20.51 4.58
CA ILE A 88 16.20 -20.71 5.88
C ILE A 88 14.69 -20.43 5.84
N VAL A 89 13.90 -21.34 6.41
CA VAL A 89 12.46 -21.16 6.45
C VAL A 89 11.98 -20.86 7.88
N HIS A 90 11.47 -19.64 8.08
CA HIS A 90 10.97 -19.21 9.38
C HIS A 90 9.45 -19.27 9.40
N SER A 91 8.94 -20.37 9.95
CA SER A 91 7.51 -20.62 10.03
C SER A 91 7.14 -20.79 11.51
N VAL A 92 7.12 -19.68 12.25
CA VAL A 92 6.79 -19.73 13.67
C VAL A 92 5.97 -18.51 14.05
N ALA A 93 5.04 -18.74 14.98
CA ALA A 93 4.17 -17.68 15.48
C ALA A 93 3.42 -18.18 16.70
N PHE A 94 3.39 -17.38 17.76
CA PHE A 94 2.64 -17.76 18.94
C PHE A 94 2.07 -16.59 19.74
N ALA A 95 0.92 -16.84 20.36
CA ALA A 95 0.26 -15.86 21.19
C ALA A 95 -0.78 -16.59 22.04
N PRO A 96 -0.99 -16.14 23.28
CA PRO A 96 -1.98 -16.82 24.13
C PRO A 96 -3.35 -16.85 23.47
N LYS A 97 -4.11 -17.91 23.75
CA LYS A 97 -5.44 -18.13 23.20
C LYS A 97 -6.39 -16.95 23.40
N GLU A 98 -6.35 -16.36 24.58
CA GLU A 98 -7.20 -15.22 24.92
C GLU A 98 -6.98 -14.03 23.98
N ALA A 99 -5.72 -13.70 23.74
CA ALA A 99 -5.32 -12.59 22.88
C ALA A 99 -5.91 -12.68 21.47
N LEU A 100 -6.25 -13.90 21.03
CA LEU A 100 -6.83 -14.09 19.69
C LEU A 100 -8.35 -14.19 19.64
N GLU A 101 -8.98 -13.67 20.69
CA GLU A 101 -10.42 -13.64 20.79
C GLU A 101 -10.73 -12.37 21.57
N GLY A 102 -11.95 -11.88 21.47
CA GLY A 102 -12.26 -10.64 22.15
C GLY A 102 -11.57 -9.53 21.38
N SER A 103 -11.27 -8.43 22.07
CA SER A 103 -10.63 -7.29 21.41
C SER A 103 -9.14 -7.09 21.74
N LEU A 104 -8.47 -6.37 20.85
CA LEU A 104 -7.06 -6.06 21.01
C LEU A 104 -6.87 -5.23 22.30
N LEU A 105 -7.90 -4.46 22.67
CA LEU A 105 -7.86 -3.61 23.87
C LEU A 105 -7.59 -4.34 25.18
N GLU A 106 -8.13 -5.55 25.31
CA GLU A 106 -7.96 -6.35 26.52
C GLU A 106 -6.65 -7.10 26.57
N THR A 107 -5.82 -6.98 25.54
CA THR A 107 -4.54 -7.68 25.50
C THR A 107 -3.65 -7.22 26.65
N SER A 108 -2.91 -8.17 27.22
CA SER A 108 -2.02 -7.87 28.34
C SER A 108 -0.59 -7.63 27.87
N LYS A 109 0.15 -6.86 28.66
CA LYS A 109 1.56 -6.56 28.34
C LYS A 109 2.31 -7.87 28.17
N SER A 110 1.85 -8.90 28.86
CA SER A 110 2.49 -10.21 28.83
C SER A 110 2.28 -10.94 27.51
N ALA A 111 1.04 -11.06 27.09
CA ALA A 111 0.69 -11.70 25.83
C ALA A 111 1.31 -10.91 24.67
N PHE A 112 1.30 -9.59 24.80
CA PHE A 112 1.87 -8.69 23.80
C PHE A 112 3.32 -9.07 23.55
N ASN A 113 4.11 -9.00 24.61
CA ASN A 113 5.53 -9.33 24.53
C ASN A 113 5.77 -10.76 24.10
N THR A 114 4.79 -11.63 24.32
CA THR A 114 4.93 -13.03 23.94
C THR A 114 4.69 -13.17 22.44
N ALA A 115 3.69 -12.45 21.96
CA ALA A 115 3.36 -12.48 20.55
C ALA A 115 4.52 -11.92 19.73
N MET A 116 5.04 -10.77 20.14
CA MET A 116 6.14 -10.11 19.45
C MET A 116 7.47 -10.88 19.47
N GLU A 117 7.79 -11.52 20.58
CA GLU A 117 9.04 -12.24 20.68
C GLU A 117 9.11 -13.50 19.83
N ILE A 118 8.18 -14.41 20.06
CA ILE A 118 8.14 -15.67 19.34
C ILE A 118 7.89 -15.51 17.87
N SER A 119 7.05 -14.53 17.52
CA SER A 119 6.66 -14.33 16.13
C SER A 119 7.41 -13.30 15.31
N VAL A 120 8.26 -12.49 15.94
CA VAL A 120 8.98 -11.48 15.18
C VAL A 120 10.45 -11.42 15.50
N TYR A 121 10.79 -11.26 16.78
CA TYR A 121 12.19 -11.16 17.17
C TYR A 121 12.94 -12.43 16.87
N SER A 122 12.22 -13.55 16.86
CA SER A 122 12.85 -14.83 16.58
C SER A 122 13.46 -14.85 15.18
N LEU A 123 12.83 -14.18 14.21
CA LEU A 123 13.35 -14.15 12.85
C LEU A 123 14.69 -13.42 12.88
N ILE A 124 14.79 -12.41 13.73
CA ILE A 124 16.01 -11.64 13.88
C ILE A 124 17.13 -12.48 14.50
N GLU A 125 16.82 -13.22 15.56
CA GLU A 125 17.83 -14.03 16.22
C GLU A 125 18.21 -15.24 15.36
N LEU A 126 17.21 -15.90 14.77
CA LEU A 126 17.47 -17.04 13.93
C LEU A 126 18.44 -16.64 12.82
N THR A 127 18.14 -15.53 12.15
CA THR A 127 18.96 -15.04 11.04
C THR A 127 20.35 -14.56 11.42
N ASN A 128 20.41 -13.63 12.37
CA ASN A 128 21.69 -13.09 12.82
C ASN A 128 22.59 -14.19 13.36
N THR A 129 22.00 -15.26 13.86
CA THR A 129 22.76 -16.37 14.41
C THR A 129 23.40 -17.21 13.32
N LEU A 130 22.63 -17.52 12.29
CA LEU A 130 23.10 -18.36 11.20
C LEU A 130 23.81 -17.56 10.10
N LYS A 131 23.74 -16.24 10.20
CA LYS A 131 24.31 -15.38 9.19
C LYS A 131 25.66 -15.83 8.59
N PRO A 132 26.69 -16.10 9.43
CA PRO A 132 28.01 -16.55 8.95
C PRO A 132 28.02 -17.98 8.40
N LEU A 133 26.86 -18.61 8.32
CA LEU A 133 26.76 -19.97 7.78
C LEU A 133 25.98 -19.95 6.47
N LEU A 134 25.55 -18.75 6.08
CA LEU A 134 24.77 -18.54 4.86
C LEU A 134 25.64 -18.23 3.65
N ASN A 135 25.45 -19.02 2.59
CA ASN A 135 26.21 -18.81 1.36
C ASN A 135 25.68 -17.59 0.61
N ASN A 136 26.43 -17.14 -0.39
CA ASN A 136 25.99 -16.02 -1.20
C ASN A 136 24.81 -16.57 -1.98
N GLY A 137 23.74 -15.77 -2.11
CA GLY A 137 22.56 -16.20 -2.83
C GLY A 137 21.53 -16.86 -1.90
N ALA A 138 21.87 -16.92 -0.62
CA ALA A 138 20.97 -17.51 0.37
C ALA A 138 19.61 -16.81 0.38
N SER A 139 18.57 -17.53 0.78
CA SER A 139 17.21 -16.99 0.81
C SER A 139 16.49 -17.26 2.13
N VAL A 140 15.93 -16.20 2.73
CA VAL A 140 15.23 -16.32 3.99
C VAL A 140 13.76 -15.98 3.82
N LEU A 141 12.92 -16.95 4.11
CA LEU A 141 11.51 -16.79 3.99
C LEU A 141 10.81 -16.95 5.33
N THR A 142 9.79 -16.12 5.54
CA THR A 142 8.99 -16.17 6.76
C THR A 142 7.53 -16.18 6.28
N LEU A 143 6.57 -16.32 7.19
CA LEU A 143 5.15 -16.36 6.80
C LEU A 143 4.32 -15.29 7.47
N SER A 144 3.49 -14.62 6.69
CA SER A 144 2.65 -13.58 7.27
C SER A 144 1.22 -13.82 6.83
N TYR A 145 0.35 -12.88 7.17
CA TYR A 145 -1.06 -13.02 6.86
C TYR A 145 -1.64 -11.63 6.62
N LEU A 146 -2.67 -11.56 5.80
CA LEU A 146 -3.29 -10.29 5.46
C LEU A 146 -3.56 -9.44 6.72
N GLY A 147 -3.87 -10.10 7.84
CA GLY A 147 -4.17 -9.40 9.08
C GLY A 147 -3.17 -8.31 9.46
N SER A 148 -1.96 -8.42 8.91
CA SER A 148 -0.88 -7.47 9.17
C SER A 148 -1.21 -6.03 8.79
N THR A 149 -1.83 -5.84 7.64
CA THR A 149 -2.16 -4.50 7.17
C THR A 149 -3.66 -4.25 7.03
N LYS A 150 -4.46 -5.25 7.40
CA LYS A 150 -5.92 -5.12 7.32
C LYS A 150 -6.55 -5.79 8.52
N TYR A 151 -7.75 -5.33 8.86
CA TYR A 151 -8.47 -5.93 9.97
C TYR A 151 -9.10 -7.25 9.56
N MET A 152 -8.83 -8.28 10.36
CA MET A 152 -9.38 -9.63 10.20
C MET A 152 -9.84 -10.07 11.59
N ALA A 153 -11.03 -10.66 11.63
CA ALA A 153 -11.70 -11.12 12.86
C ALA A 153 -10.82 -11.65 14.01
N HIS A 154 -10.78 -10.90 15.10
CA HIS A 154 -10.12 -11.36 16.32
C HIS A 154 -8.74 -11.93 16.02
N TYR A 155 -8.08 -11.35 15.02
CA TYR A 155 -6.64 -11.55 14.84
C TYR A 155 -5.85 -10.68 15.81
N ASN A 156 -6.42 -9.55 16.20
CA ASN A 156 -5.88 -8.74 17.28
C ASN A 156 -4.35 -8.74 17.24
N VAL A 157 -3.74 -9.15 18.36
CA VAL A 157 -2.32 -8.90 18.59
C VAL A 157 -1.42 -9.58 17.56
N MET A 158 -1.94 -10.61 16.91
CA MET A 158 -1.17 -11.35 15.92
C MET A 158 -1.03 -10.46 14.69
N GLY A 159 -1.98 -9.54 14.52
CA GLY A 159 -1.94 -8.62 13.40
C GLY A 159 -0.83 -7.60 13.55
N LEU A 160 -0.57 -7.21 14.80
CA LEU A 160 0.51 -6.27 15.11
C LEU A 160 1.83 -6.95 14.84
N ALA A 161 1.94 -8.21 15.24
CA ALA A 161 3.14 -9.01 15.04
C ALA A 161 3.51 -9.11 13.56
N LYS A 162 2.57 -9.54 12.74
CA LYS A 162 2.85 -9.68 11.32
C LYS A 162 3.15 -8.35 10.64
N ALA A 163 2.73 -7.25 11.25
CA ALA A 163 3.00 -5.95 10.67
C ALA A 163 4.50 -5.65 10.94
N ALA A 164 4.99 -5.95 12.14
CA ALA A 164 6.40 -5.73 12.39
C ALA A 164 7.20 -6.78 11.64
N LEU A 165 6.63 -7.97 11.49
CA LEU A 165 7.31 -9.04 10.76
C LEU A 165 7.63 -8.57 9.35
N GLU A 166 6.64 -8.08 8.62
CA GLU A 166 6.85 -7.64 7.25
C GLU A 166 7.81 -6.47 7.19
N SER A 167 7.82 -5.63 8.22
CA SER A 167 8.73 -4.51 8.25
C SER A 167 10.12 -5.02 8.54
N ALA A 168 10.23 -6.11 9.31
CA ALA A 168 11.52 -6.73 9.62
C ALA A 168 12.08 -7.38 8.35
N VAL A 169 11.18 -7.89 7.52
CA VAL A 169 11.61 -8.51 6.28
C VAL A 169 12.23 -7.43 5.39
N ARG A 170 11.69 -6.22 5.45
CA ARG A 170 12.22 -5.12 4.66
C ARG A 170 13.63 -4.70 5.12
N TYR A 171 13.83 -4.51 6.43
CA TYR A 171 15.13 -4.12 6.96
C TYR A 171 16.17 -5.25 6.86
N LEU A 172 15.75 -6.48 7.09
CA LEU A 172 16.70 -7.59 6.97
C LEU A 172 17.21 -7.68 5.54
N ALA A 173 16.32 -7.45 4.57
CA ALA A 173 16.73 -7.49 3.15
C ALA A 173 17.83 -6.46 2.88
N VAL A 174 17.76 -5.30 3.53
CA VAL A 174 18.78 -4.27 3.32
C VAL A 174 20.05 -4.61 4.07
N ASP A 175 19.89 -5.17 5.28
CA ASP A 175 20.99 -5.57 6.14
C ASP A 175 21.79 -6.70 5.51
N LEU A 176 21.09 -7.71 5.01
CA LEU A 176 21.75 -8.86 4.42
C LEU A 176 21.92 -8.79 2.90
N GLY A 177 21.37 -7.77 2.27
CA GLY A 177 21.49 -7.64 0.82
C GLY A 177 22.92 -7.39 0.38
N LYS A 178 23.66 -6.64 1.20
CA LYS A 178 25.05 -6.31 0.92
C LYS A 178 25.80 -7.60 0.62
N HIS A 179 25.45 -8.64 1.38
CA HIS A 179 26.06 -9.96 1.28
C HIS A 179 25.33 -10.90 0.34
N HIS A 180 24.59 -10.34 -0.61
CA HIS A 180 23.88 -11.16 -1.60
C HIS A 180 22.87 -12.15 -1.05
N ILE A 181 22.23 -11.81 0.06
CA ILE A 181 21.24 -12.71 0.64
C ILE A 181 19.83 -12.11 0.48
N ARG A 182 18.84 -12.97 0.29
CA ARG A 182 17.47 -12.50 0.12
C ARG A 182 16.54 -12.80 1.31
N VAL A 183 15.61 -11.87 1.55
CA VAL A 183 14.65 -12.00 2.63
C VAL A 183 13.25 -11.64 2.13
N ASN A 184 12.33 -12.57 2.25
CA ASN A 184 10.97 -12.33 1.80
C ASN A 184 9.98 -12.91 2.77
N ALA A 185 8.72 -12.60 2.53
CA ALA A 185 7.61 -13.08 3.33
C ALA A 185 6.54 -13.59 2.38
N LEU A 186 5.95 -14.71 2.73
CA LEU A 186 4.90 -15.24 1.91
C LEU A 186 3.62 -15.06 2.73
N SER A 187 2.73 -14.22 2.23
CA SER A 187 1.47 -13.97 2.91
C SER A 187 0.46 -14.98 2.40
N ALA A 188 0.31 -16.09 3.10
CA ALA A 188 -0.62 -17.13 2.66
C ALA A 188 -2.03 -16.88 3.15
N GLY A 189 -2.99 -17.40 2.40
CA GLY A 189 -4.39 -17.24 2.80
C GLY A 189 -4.72 -18.25 3.88
N PRO A 190 -5.92 -18.18 4.48
CA PRO A 190 -6.31 -19.11 5.53
C PRO A 190 -6.19 -20.56 5.06
N ILE A 191 -5.62 -21.40 5.91
CA ILE A 191 -5.45 -22.82 5.61
C ILE A 191 -5.36 -23.67 6.88
N ARG A 192 -6.18 -24.72 6.91
CA ARG A 192 -6.31 -25.64 8.05
C ARG A 192 -5.06 -26.44 8.49
N THR A 193 -4.49 -26.01 9.62
CA THR A 193 -3.32 -26.65 10.19
C THR A 193 -3.52 -26.73 11.72
N LEU A 194 -2.63 -27.45 12.40
CA LEU A 194 -2.75 -27.59 13.84
C LEU A 194 -3.05 -26.26 14.54
N ALA A 195 -2.18 -25.27 14.33
CA ALA A 195 -2.32 -23.94 14.94
C ALA A 195 -3.62 -23.21 14.58
N SER A 196 -4.08 -23.37 13.35
CA SER A 196 -5.30 -22.71 12.87
C SER A 196 -6.58 -23.38 13.34
N SER A 197 -6.54 -24.70 13.44
CA SER A 197 -7.70 -25.45 13.91
C SER A 197 -8.00 -25.08 15.36
N GLY A 198 -6.96 -24.67 16.09
CA GLY A 198 -7.13 -24.28 17.48
C GLY A 198 -7.39 -22.80 17.64
N ILE A 199 -8.12 -22.24 16.69
CA ILE A 199 -8.48 -20.82 16.69
C ILE A 199 -9.98 -20.68 16.45
N ALA A 200 -10.64 -19.95 17.35
CA ALA A 200 -12.09 -19.75 17.27
C ALA A 200 -12.65 -19.35 15.90
N ASP A 201 -13.76 -20.00 15.55
CA ASP A 201 -14.52 -19.74 14.32
C ASP A 201 -13.72 -19.76 13.01
N PHE A 202 -12.54 -20.38 13.04
CA PHE A 202 -11.71 -20.44 11.86
C PHE A 202 -12.48 -20.99 10.67
N ARG A 203 -13.45 -21.84 10.94
CA ARG A 203 -14.28 -22.43 9.88
C ARG A 203 -14.93 -21.34 9.03
N MET A 204 -15.27 -20.23 9.68
CA MET A 204 -15.92 -19.10 9.02
C MET A 204 -14.97 -18.26 8.16
N ILE A 205 -13.80 -17.92 8.69
CA ILE A 205 -12.81 -17.12 7.95
C ILE A 205 -12.50 -17.89 6.67
N LEU A 206 -12.40 -19.21 6.83
CA LEU A 206 -12.09 -20.13 5.75
C LEU A 206 -13.16 -20.12 4.66
N LYS A 207 -14.43 -20.26 5.05
CA LYS A 207 -15.51 -20.27 4.08
C LYS A 207 -15.65 -18.92 3.39
N TRP A 208 -15.47 -17.85 4.15
CA TRP A 208 -15.61 -16.51 3.60
C TRP A 208 -14.58 -16.22 2.51
N ASN A 209 -13.33 -16.61 2.74
CA ASN A 209 -12.28 -16.42 1.76
C ASN A 209 -12.58 -17.28 0.54
N GLU A 210 -13.08 -18.49 0.80
CA GLU A 210 -13.42 -19.44 -0.25
C GLU A 210 -14.44 -18.87 -1.24
N ILE A 211 -15.49 -18.28 -0.70
CA ILE A 211 -16.57 -17.72 -1.52
C ILE A 211 -16.24 -16.36 -2.12
N ASN A 212 -15.62 -15.51 -1.30
CA ASN A 212 -15.26 -14.17 -1.76
C ASN A 212 -13.95 -14.05 -2.52
N ALA A 213 -13.13 -15.09 -2.54
CA ALA A 213 -11.87 -15.06 -3.26
C ALA A 213 -12.12 -15.13 -4.77
N PRO A 214 -11.29 -14.45 -5.58
CA PRO A 214 -11.46 -14.47 -7.04
C PRO A 214 -11.42 -15.87 -7.67
N LEU A 215 -10.51 -16.75 -7.22
CA LEU A 215 -10.42 -18.10 -7.78
C LEU A 215 -11.46 -19.03 -7.18
N ARG A 216 -12.35 -18.43 -6.39
CA ARG A 216 -13.44 -19.13 -5.73
C ARG A 216 -13.05 -20.44 -5.07
N LYS A 217 -12.02 -20.41 -4.23
CA LYS A 217 -11.58 -21.60 -3.51
C LYS A 217 -10.57 -21.20 -2.46
N ASN A 218 -10.19 -22.17 -1.63
CA ASN A 218 -9.18 -21.92 -0.61
C ASN A 218 -7.86 -22.39 -1.21
N VAL A 219 -6.76 -21.86 -0.72
CA VAL A 219 -5.45 -22.28 -1.24
C VAL A 219 -5.11 -23.63 -0.63
N SER A 220 -4.42 -24.45 -1.41
CA SER A 220 -4.00 -25.77 -0.97
C SER A 220 -2.63 -25.65 -0.32
N LEU A 221 -2.22 -26.69 0.39
CA LEU A 221 -0.92 -26.70 1.05
C LEU A 221 0.20 -26.77 0.00
N GLU A 222 -0.11 -27.43 -1.10
CA GLU A 222 0.84 -27.58 -2.20
C GLU A 222 1.14 -26.18 -2.80
N GLU A 223 0.09 -25.42 -3.10
CA GLU A 223 0.24 -24.09 -3.67
C GLU A 223 1.12 -23.20 -2.78
N VAL A 224 0.90 -23.20 -1.47
CA VAL A 224 1.73 -22.41 -0.54
C VAL A 224 3.19 -22.90 -0.62
N GLY A 225 3.37 -24.21 -0.65
CA GLY A 225 4.70 -24.79 -0.72
C GLY A 225 5.48 -24.43 -1.99
N ASN A 226 4.76 -24.37 -3.11
CA ASN A 226 5.38 -24.02 -4.38
C ASN A 226 5.73 -22.54 -4.41
N ALA A 227 4.84 -21.72 -3.86
CA ALA A 227 5.09 -20.29 -3.78
C ALA A 227 6.42 -20.10 -3.01
N GLY A 228 6.53 -20.77 -1.86
CA GLY A 228 7.74 -20.67 -1.04
C GLY A 228 8.99 -21.20 -1.71
N MET A 229 8.91 -22.43 -2.22
CA MET A 229 10.03 -23.04 -2.93
C MET A 229 10.57 -22.03 -3.93
N TYR A 230 9.66 -21.38 -4.65
CA TYR A 230 10.05 -20.37 -5.61
C TYR A 230 10.84 -19.24 -4.89
N LEU A 231 10.23 -18.63 -3.88
CA LEU A 231 10.91 -17.58 -3.13
C LEU A 231 12.27 -18.03 -2.60
N LEU A 232 12.41 -19.32 -2.31
CA LEU A 232 13.66 -19.87 -1.81
C LEU A 232 14.60 -20.38 -2.91
N SER A 233 14.15 -20.42 -4.17
CA SER A 233 15.02 -20.90 -5.25
C SER A 233 15.62 -19.75 -6.04
N SER A 234 16.63 -20.06 -6.84
CA SER A 234 17.31 -19.04 -7.64
C SER A 234 16.35 -18.42 -8.65
N LEU A 235 15.21 -19.06 -8.84
CA LEU A 235 14.23 -18.56 -9.79
C LEU A 235 13.74 -17.18 -9.39
N SER A 236 13.90 -16.83 -8.11
CA SER A 236 13.47 -15.52 -7.62
C SER A 236 14.63 -14.66 -7.16
N SER A 237 15.82 -15.00 -7.63
CA SER A 237 17.05 -14.28 -7.31
C SER A 237 16.94 -12.77 -7.51
N GLY A 238 15.90 -12.32 -8.19
CA GLY A 238 15.72 -10.90 -8.41
C GLY A 238 14.68 -10.31 -7.47
N VAL A 239 14.11 -11.15 -6.60
CA VAL A 239 13.08 -10.76 -5.64
C VAL A 239 13.59 -10.62 -4.24
N SER A 240 13.14 -9.58 -3.53
CA SER A 240 13.56 -9.39 -2.15
C SER A 240 12.77 -8.27 -1.42
N GLY A 241 12.51 -8.48 -0.13
CA GLY A 241 11.76 -7.53 0.66
C GLY A 241 10.31 -7.56 0.19
N GLU A 242 9.96 -8.70 -0.37
CA GLU A 242 8.63 -8.88 -0.92
C GLU A 242 7.64 -9.70 -0.10
N VAL A 243 6.46 -9.14 0.09
CA VAL A 243 5.39 -9.83 0.80
C VAL A 243 4.59 -10.40 -0.36
N HIS A 244 4.78 -11.68 -0.62
CA HIS A 244 4.14 -12.41 -1.70
C HIS A 244 2.84 -13.11 -1.27
N PHE A 245 1.73 -12.65 -1.84
CA PHE A 245 0.41 -13.18 -1.53
C PHE A 245 0.03 -14.45 -2.26
N VAL A 246 -0.20 -15.51 -1.50
CA VAL A 246 -0.62 -16.80 -2.02
C VAL A 246 -1.97 -17.00 -1.35
N ASP A 247 -2.99 -16.31 -1.85
CA ASP A 247 -4.31 -16.37 -1.24
C ASP A 247 -5.47 -16.57 -2.21
N ALA A 248 -5.19 -17.06 -3.42
CA ALA A 248 -6.26 -17.25 -4.40
C ALA A 248 -6.81 -15.85 -4.73
N GLY A 249 -5.93 -14.85 -4.71
CA GLY A 249 -6.33 -13.49 -5.05
C GLY A 249 -7.23 -12.74 -4.09
N TYR A 250 -7.56 -13.35 -2.97
CA TYR A 250 -8.44 -12.71 -2.00
C TYR A 250 -8.07 -11.27 -1.68
N HIS A 251 -6.77 -11.04 -1.44
CA HIS A 251 -6.26 -9.73 -1.06
C HIS A 251 -6.75 -8.54 -1.88
N VAL A 252 -7.19 -8.78 -3.12
CA VAL A 252 -7.66 -7.69 -4.00
C VAL A 252 -9.08 -7.18 -3.73
N MET A 253 -9.87 -7.95 -3.00
CA MET A 253 -11.26 -7.56 -2.75
C MET A 253 -11.46 -6.33 -1.85
N GLY A 254 -12.39 -5.46 -2.25
CA GLY A 254 -12.68 -4.28 -1.46
C GLY A 254 -14.07 -4.42 -0.87
N MET A 255 -14.62 -5.61 -1.00
CA MET A 255 -15.96 -5.92 -0.49
C MET A 255 -16.25 -7.36 -0.87
N GLY A 256 -17.41 -7.87 -0.45
CA GLY A 256 -17.75 -9.23 -0.78
C GLY A 256 -18.03 -9.39 -2.26
N ALA A 257 -17.79 -10.59 -2.78
CA ALA A 257 -18.01 -10.90 -4.19
C ALA A 257 -19.49 -10.79 -4.56
N VAL A 258 -19.77 -10.68 -5.85
CA VAL A 258 -21.15 -10.56 -6.33
C VAL A 258 -21.24 -10.92 -7.82
N GLU A 259 -20.15 -10.67 -8.51
CA GLU A 259 -19.94 -10.87 -9.96
C GLU A 259 -20.76 -11.83 -10.83
N GLU A 260 -20.64 -13.14 -10.63
CA GLU A 260 -21.38 -14.07 -11.48
C GLU A 260 -22.86 -13.69 -11.57
N LYS A 261 -23.50 -13.46 -10.42
CA LYS A 261 -24.93 -13.08 -10.40
C LYS A 261 -25.15 -11.59 -10.67
N ASP A 262 -25.67 -11.29 -11.86
CA ASP A 262 -25.90 -9.91 -12.26
C ASP A 262 -27.33 -9.39 -12.16
N ASN A 263 -28.30 -10.30 -12.18
CA ASN A 263 -29.73 -9.96 -12.11
C ASN A 263 -29.98 -8.58 -11.52
N LYS A 264 -29.52 -8.40 -10.29
CA LYS A 264 -29.66 -7.15 -9.55
C LYS A 264 -28.43 -7.04 -8.64
N ALA A 265 -27.51 -7.99 -8.79
CA ALA A 265 -26.28 -8.04 -8.01
C ALA A 265 -26.56 -8.44 -6.57
N THR A 266 -26.16 -9.66 -6.20
CA THR A 266 -26.36 -10.14 -4.84
C THR A 266 -25.06 -10.75 -4.34
N LEU A 267 -24.77 -10.56 -3.06
CA LEU A 267 -23.55 -11.11 -2.50
C LEU A 267 -23.53 -12.64 -2.61
N LEU A 268 -22.42 -13.16 -3.14
CA LEU A 268 -22.25 -14.61 -3.27
C LEU A 268 -22.45 -15.29 -1.94
N TRP A 269 -22.10 -14.59 -0.86
CA TRP A 269 -22.24 -15.13 0.47
C TRP A 269 -23.70 -15.36 0.84
N ASP A 270 -24.60 -14.54 0.31
CA ASP A 270 -26.02 -14.70 0.60
C ASP A 270 -26.61 -15.87 -0.18
N LEU A 271 -25.90 -16.28 -1.23
CA LEU A 271 -26.35 -17.39 -2.06
C LEU A 271 -25.66 -18.69 -1.68
N HIS A 272 -24.47 -18.61 -1.11
CA HIS A 272 -23.70 -19.79 -0.72
C HIS A 272 -23.64 -20.01 0.79
N LYS A 273 -24.28 -21.09 1.24
CA LYS A 273 -24.31 -21.45 2.65
C LYS A 273 -24.91 -20.36 3.54
N GLU A 274 -25.98 -19.73 3.06
CA GLU A 274 -26.68 -18.69 3.80
C GLU A 274 -27.95 -18.24 3.07
N GLN A 275 -28.89 -19.17 2.92
CA GLN A 275 -30.16 -18.88 2.24
C GLN A 275 -31.37 -19.19 3.12
N GLY B 2 -13.51 27.94 18.15
CA GLY B 2 -12.74 26.93 17.36
C GLY B 2 -13.45 25.60 17.23
N PHE B 3 -12.84 24.64 16.54
CA PHE B 3 -13.46 23.33 16.38
C PHE B 3 -13.28 22.30 17.49
N LEU B 4 -12.74 22.76 18.61
CA LEU B 4 -12.53 21.89 19.77
C LEU B 4 -13.11 22.53 21.04
N LYS B 5 -13.97 23.54 20.84
CA LYS B 5 -14.64 24.27 21.91
C LYS B 5 -15.42 23.34 22.83
N GLY B 6 -15.13 23.42 24.12
CA GLY B 6 -15.80 22.57 25.08
C GLY B 6 -15.34 21.13 25.03
N LYS B 7 -14.31 20.86 24.22
CA LYS B 7 -13.78 19.50 24.11
C LYS B 7 -12.58 19.30 25.04
N LYS B 8 -12.57 18.19 25.76
CA LYS B 8 -11.50 17.88 26.70
C LYS B 8 -10.52 16.85 26.12
N GLY B 9 -9.23 17.12 26.27
CA GLY B 9 -8.25 16.19 25.73
C GLY B 9 -7.03 15.96 26.58
N LEU B 10 -6.49 14.75 26.49
CA LEU B 10 -5.31 14.38 27.24
C LEU B 10 -4.09 14.33 26.31
N ILE B 11 -3.04 15.08 26.65
CA ILE B 11 -1.80 15.12 25.86
C ILE B 11 -0.70 14.33 26.56
N VAL B 12 -0.21 13.29 25.89
CA VAL B 12 0.86 12.45 26.45
C VAL B 12 2.09 12.43 25.54
N GLY B 13 3.20 13.00 26.03
CA GLY B 13 4.42 13.01 25.23
C GLY B 13 5.27 14.27 25.31
N VAL B 14 4.72 15.36 25.85
CA VAL B 14 5.46 16.60 25.95
C VAL B 14 6.75 16.46 26.75
N ALA B 15 7.83 16.99 26.20
CA ALA B 15 9.15 16.96 26.82
C ALA B 15 9.70 18.37 26.87
N ASN B 16 9.35 19.17 25.86
CA ASN B 16 9.76 20.57 25.75
C ASN B 16 8.86 21.25 24.70
N ASN B 17 9.09 22.54 24.47
CA ASN B 17 8.29 23.31 23.53
C ASN B 17 8.54 22.99 22.06
N LYS B 18 9.40 22.01 21.80
CA LYS B 18 9.71 21.60 20.43
C LYS B 18 9.14 20.21 20.17
N SER B 19 8.41 19.71 21.16
CA SER B 19 7.77 18.40 21.07
C SER B 19 6.61 18.40 20.08
N ILE B 20 6.44 17.29 19.37
CA ILE B 20 5.35 17.12 18.41
C ILE B 20 4.02 17.32 19.17
N ALA B 21 3.92 16.72 20.35
CA ALA B 21 2.72 16.81 21.16
C ALA B 21 2.45 18.25 21.60
N TYR B 22 3.51 19.05 21.69
CA TYR B 22 3.33 20.45 22.06
C TYR B 22 2.75 21.22 20.87
N GLY B 23 3.25 20.92 19.67
CA GLY B 23 2.74 21.59 18.48
C GLY B 23 1.27 21.28 18.38
N ILE B 24 0.94 20.02 18.61
CA ILE B 24 -0.45 19.61 18.56
C ILE B 24 -1.27 20.24 19.69
N ALA B 25 -0.68 20.36 20.87
CA ALA B 25 -1.37 20.96 22.01
C ALA B 25 -1.61 22.44 21.75
N GLN B 26 -0.61 23.09 21.17
CA GLN B 26 -0.66 24.50 20.83
C GLN B 26 -1.80 24.72 19.84
N SER B 27 -1.84 23.90 18.80
CA SER B 27 -2.89 24.01 17.81
C SER B 27 -4.24 23.73 18.43
N CYS B 28 -4.32 22.69 19.25
CA CYS B 28 -5.59 22.33 19.90
C CYS B 28 -6.06 23.45 20.82
N PHE B 29 -5.10 24.11 21.47
CA PHE B 29 -5.41 25.20 22.38
C PHE B 29 -6.11 26.34 21.64
N ASN B 30 -5.56 26.71 20.49
CA ASN B 30 -6.10 27.79 19.66
C ASN B 30 -7.53 27.51 19.18
N GLN B 31 -7.96 26.26 19.29
CA GLN B 31 -9.30 25.90 18.86
C GLN B 31 -10.27 25.72 20.02
N GLY B 32 -9.86 26.23 21.19
CA GLY B 32 -10.69 26.18 22.38
C GLY B 32 -10.70 24.93 23.24
N ALA B 33 -9.83 23.97 22.97
CA ALA B 33 -9.82 22.74 23.75
C ALA B 33 -9.34 22.94 25.18
N THR B 34 -9.83 22.06 26.06
CA THR B 34 -9.44 22.04 27.47
C THR B 34 -8.42 20.91 27.54
N LEU B 35 -7.17 21.27 27.81
CA LEU B 35 -6.10 20.29 27.86
C LEU B 35 -5.62 19.81 29.23
N ALA B 36 -5.01 18.63 29.20
CA ALA B 36 -4.44 17.97 30.36
C ALA B 36 -3.12 17.38 29.86
N PHE B 37 -2.07 17.44 30.68
CA PHE B 37 -0.75 16.92 30.29
C PHE B 37 -0.18 15.91 31.27
N THR B 38 0.72 15.06 30.77
CA THR B 38 1.39 14.08 31.58
C THR B 38 2.88 14.22 31.37
N TYR B 39 3.66 13.73 32.33
CA TYR B 39 5.10 13.82 32.23
C TYR B 39 5.74 12.54 32.72
N LEU B 40 6.87 12.19 32.11
CA LEU B 40 7.57 10.96 32.45
C LEU B 40 8.18 10.97 33.85
N ASN B 41 8.94 12.00 34.17
CA ASN B 41 9.55 12.10 35.48
C ASN B 41 9.58 13.55 35.94
N GLU B 42 10.04 13.79 37.16
CA GLU B 42 10.07 15.17 37.65
C GLU B 42 11.01 16.08 36.88
N SER B 43 11.94 15.50 36.11
CA SER B 43 12.85 16.34 35.34
C SER B 43 12.14 16.97 34.13
N LEU B 44 11.30 16.18 33.46
CA LEU B 44 10.55 16.66 32.30
C LEU B 44 9.39 17.54 32.74
N GLU B 45 8.88 17.29 33.94
CA GLU B 45 7.78 18.05 34.52
C GLU B 45 8.23 19.51 34.65
N LYS B 46 9.54 19.69 34.76
CA LYS B 46 10.14 21.01 34.88
C LYS B 46 9.89 21.82 33.62
N ARG B 47 9.61 21.12 32.52
CA ARG B 47 9.32 21.76 31.24
C ARG B 47 7.85 21.65 30.85
N VAL B 48 7.23 20.53 31.22
CA VAL B 48 5.81 20.32 30.92
C VAL B 48 4.91 21.28 31.68
N ARG B 49 5.31 21.66 32.89
CA ARG B 49 4.51 22.59 33.68
C ARG B 49 4.40 23.98 33.03
N PRO B 50 5.53 24.71 32.85
CA PRO B 50 5.33 26.02 32.22
C PRO B 50 4.55 25.92 30.90
N ILE B 51 4.89 24.92 30.07
CA ILE B 51 4.21 24.71 28.81
C ILE B 51 2.72 24.63 29.10
N ALA B 52 2.39 23.81 30.09
CA ALA B 52 1.00 23.59 30.50
C ALA B 52 0.31 24.88 30.89
N GLN B 53 0.99 25.73 31.66
CA GLN B 53 0.43 27.00 32.08
C GLN B 53 0.13 27.87 30.87
N GLU B 54 1.10 27.97 29.97
CA GLU B 54 0.94 28.74 28.75
C GLU B 54 -0.31 28.35 27.96
N LEU B 55 -0.83 27.16 28.21
CA LEU B 55 -2.01 26.68 27.49
C LEU B 55 -3.23 26.53 28.40
N ASN B 56 -3.36 27.47 29.34
CA ASN B 56 -4.48 27.49 30.28
C ASN B 56 -4.82 26.13 30.85
N SER B 57 -3.80 25.36 31.24
CA SER B 57 -4.08 24.03 31.77
C SER B 57 -3.51 23.81 33.16
N PRO B 58 -4.40 23.44 34.11
CA PRO B 58 -4.00 23.18 35.50
C PRO B 58 -3.98 21.67 35.77
N TYR B 59 -4.04 20.86 34.70
CA TYR B 59 -4.04 19.40 34.85
C TYR B 59 -2.72 18.80 34.38
N VAL B 60 -1.82 18.52 35.31
CA VAL B 60 -0.53 17.94 34.98
C VAL B 60 -0.29 16.70 35.81
N TYR B 61 -0.15 15.56 35.14
CA TYR B 61 0.03 14.31 35.86
C TYR B 61 1.31 13.56 35.44
N GLU B 62 1.74 12.64 36.29
CA GLU B 62 2.93 11.83 36.00
C GLU B 62 2.43 10.56 35.33
N LEU B 63 3.19 10.14 34.32
CA LEU B 63 2.86 8.94 33.61
C LEU B 63 4.04 8.41 32.80
N ASP B 64 4.65 7.36 33.33
CA ASP B 64 5.75 6.66 32.68
C ASP B 64 5.03 5.41 32.23
N VAL B 65 4.82 5.28 30.92
CA VAL B 65 4.09 4.13 30.39
C VAL B 65 4.54 2.75 30.85
N SER B 66 5.76 2.65 31.38
CA SER B 66 6.28 1.36 31.84
C SER B 66 5.84 0.99 33.25
N LYS B 67 5.19 1.91 33.95
CA LYS B 67 4.70 1.70 35.31
C LYS B 67 3.18 1.60 35.30
N GLU B 68 2.67 0.38 35.34
CA GLU B 68 1.22 0.14 35.31
C GLU B 68 0.38 0.88 36.34
N GLU B 69 0.94 1.14 37.52
CA GLU B 69 0.17 1.85 38.55
C GLU B 69 -0.05 3.31 38.16
N HIS B 70 0.83 3.87 37.33
CA HIS B 70 0.66 5.25 36.90
C HIS B 70 -0.62 5.42 36.10
N PHE B 71 -1.02 4.34 35.44
CA PHE B 71 -2.24 4.37 34.66
C PHE B 71 -3.45 4.43 35.58
N LYS B 72 -3.41 3.64 36.64
CA LYS B 72 -4.48 3.61 37.63
C LYS B 72 -4.68 5.01 38.22
N SER B 73 -3.58 5.68 38.55
CA SER B 73 -3.65 7.04 39.10
C SER B 73 -4.26 8.00 38.08
N LEU B 74 -3.81 7.88 36.83
CA LEU B 74 -4.28 8.71 35.71
C LEU B 74 -5.80 8.63 35.59
N TYR B 75 -6.33 7.42 35.54
CA TYR B 75 -7.77 7.22 35.43
C TYR B 75 -8.48 8.00 36.53
N ASN B 76 -8.03 7.82 37.76
CA ASN B 76 -8.62 8.51 38.89
C ASN B 76 -8.45 10.03 38.73
N SER B 77 -7.30 10.47 38.23
CA SER B 77 -7.05 11.91 38.04
C SER B 77 -7.98 12.62 37.07
N VAL B 78 -7.99 12.20 35.81
CA VAL B 78 -8.85 12.83 34.82
C VAL B 78 -10.33 12.69 35.15
N LYS B 79 -10.71 11.62 35.83
CA LYS B 79 -12.12 11.44 36.17
C LYS B 79 -12.54 12.46 37.22
N LYS B 80 -11.58 12.81 38.08
CA LYS B 80 -11.83 13.77 39.14
C LYS B 80 -11.70 15.20 38.64
N ASP B 81 -10.61 15.48 37.93
CA ASP B 81 -10.35 16.82 37.41
C ASP B 81 -11.12 17.19 36.16
N LEU B 82 -11.43 16.21 35.32
CA LEU B 82 -12.12 16.50 34.07
C LEU B 82 -13.39 15.73 33.78
N GLY B 83 -13.72 14.74 34.61
CA GLY B 83 -14.92 13.96 34.39
C GLY B 83 -14.93 13.09 33.14
N SER B 84 -14.50 13.65 32.01
CA SER B 84 -14.47 12.91 30.75
C SER B 84 -13.41 13.40 29.76
N LEU B 85 -13.17 12.59 28.73
CA LEU B 85 -12.20 12.90 27.68
C LEU B 85 -12.81 12.81 26.28
N ASP B 86 -12.51 13.80 25.45
CA ASP B 86 -13.00 13.83 24.09
C ASP B 86 -11.92 13.38 23.11
N PHE B 87 -10.66 13.60 23.48
CA PHE B 87 -9.56 13.20 22.63
C PHE B 87 -8.29 12.90 23.41
N ILE B 88 -7.44 12.07 22.81
CA ILE B 88 -6.19 11.64 23.41
C ILE B 88 -5.05 11.78 22.40
N VAL B 89 -3.90 12.24 22.85
CA VAL B 89 -2.74 12.35 21.96
C VAL B 89 -1.68 11.38 22.49
N HIS B 90 -1.33 10.39 21.67
CA HIS B 90 -0.34 9.39 22.07
C HIS B 90 0.96 9.59 21.32
N SER B 91 1.80 10.49 21.83
CA SER B 91 3.06 10.81 21.15
C SER B 91 4.26 10.35 21.98
N VAL B 92 4.38 9.03 22.14
CA VAL B 92 5.47 8.43 22.90
C VAL B 92 6.15 7.26 22.20
N ALA B 93 7.49 7.26 22.27
CA ALA B 93 8.32 6.21 21.68
C ALA B 93 9.71 6.18 22.29
N PHE B 94 10.29 5.00 22.41
CA PHE B 94 11.65 4.86 22.93
C PHE B 94 12.26 3.53 22.54
N ALA B 95 13.59 3.50 22.51
CA ALA B 95 14.37 2.31 22.20
C ALA B 95 15.80 2.67 22.54
N PRO B 96 16.57 1.70 23.06
CA PRO B 96 17.97 2.00 23.40
C PRO B 96 18.72 2.61 22.22
N LYS B 97 19.60 3.55 22.53
CA LYS B 97 20.43 4.26 21.56
C LYS B 97 21.11 3.33 20.56
N GLU B 98 21.57 2.17 21.04
CA GLU B 98 22.26 1.22 20.17
C GLU B 98 21.36 0.66 19.10
N ALA B 99 20.11 0.38 19.49
CA ALA B 99 19.11 -0.19 18.59
C ALA B 99 18.91 0.60 17.31
N LEU B 100 19.14 1.91 17.37
CA LEU B 100 18.99 2.81 16.24
C LEU B 100 20.24 3.07 15.42
N GLU B 101 21.33 2.43 15.78
CA GLU B 101 22.54 2.56 14.98
C GLU B 101 22.84 1.14 14.50
N GLY B 102 23.77 1.00 13.56
CA GLY B 102 24.06 -0.32 13.04
C GLY B 102 22.84 -0.93 12.36
N SER B 103 22.74 -2.25 12.39
CA SER B 103 21.64 -2.97 11.75
C SER B 103 20.59 -3.54 12.70
N LEU B 104 19.53 -4.11 12.10
CA LEU B 104 18.41 -4.73 12.83
C LEU B 104 18.87 -6.09 13.34
N LEU B 105 19.80 -6.70 12.62
CA LEU B 105 20.34 -8.00 12.98
C LEU B 105 20.90 -8.07 14.39
N GLU B 106 21.71 -7.08 14.75
CA GLU B 106 22.34 -7.03 16.06
C GLU B 106 21.41 -6.66 17.23
N THR B 107 20.13 -6.39 16.96
CA THR B 107 19.17 -6.02 18.01
C THR B 107 19.07 -7.07 19.11
N SER B 108 19.19 -6.65 20.37
CA SER B 108 19.10 -7.59 21.49
C SER B 108 17.62 -7.78 21.82
N LYS B 109 17.26 -8.97 22.32
CA LYS B 109 15.86 -9.22 22.66
C LYS B 109 15.36 -8.13 23.61
N SER B 110 16.28 -7.65 24.45
CA SER B 110 15.96 -6.61 25.42
C SER B 110 15.52 -5.31 24.79
N ALA B 111 16.31 -4.80 23.86
CA ALA B 111 15.99 -3.55 23.16
C ALA B 111 14.73 -3.70 22.32
N PHE B 112 14.47 -4.90 21.84
CA PHE B 112 13.29 -5.17 21.04
C PHE B 112 12.06 -4.89 21.91
N ASN B 113 11.94 -5.67 22.99
CA ASN B 113 10.83 -5.54 23.93
C ASN B 113 10.67 -4.14 24.49
N THR B 114 11.78 -3.50 24.83
CA THR B 114 11.70 -2.15 25.35
C THR B 114 11.08 -1.21 24.31
N ALA B 115 11.44 -1.37 23.04
CA ALA B 115 10.88 -0.54 22.00
C ALA B 115 9.44 -0.91 21.70
N MET B 116 9.10 -2.18 21.76
CA MET B 116 7.73 -2.59 21.48
C MET B 116 6.75 -2.11 22.56
N GLU B 117 7.13 -2.36 23.82
CA GLU B 117 6.32 -1.96 24.94
C GLU B 117 6.10 -0.46 25.01
N ILE B 118 7.17 0.30 25.16
CA ILE B 118 7.06 1.74 25.27
C ILE B 118 6.44 2.39 24.06
N SER B 119 6.66 1.83 22.87
CA SER B 119 6.12 2.45 21.66
C SER B 119 4.83 1.89 21.08
N VAL B 120 4.42 0.71 21.51
CA VAL B 120 3.18 0.19 20.94
C VAL B 120 2.15 -0.18 22.00
N TYR B 121 2.48 -1.16 22.82
CA TYR B 121 1.58 -1.62 23.85
C TYR B 121 1.03 -0.47 24.68
N SER B 122 1.87 0.54 24.91
CA SER B 122 1.47 1.70 25.68
C SER B 122 0.23 2.39 25.10
N LEU B 123 0.01 2.30 23.79
CA LEU B 123 -1.18 2.89 23.15
C LEU B 123 -2.39 2.05 23.59
N ILE B 124 -2.22 0.73 23.59
CA ILE B 124 -3.27 -0.20 24.03
C ILE B 124 -3.66 0.06 25.51
N GLU B 125 -2.67 0.08 26.39
CA GLU B 125 -2.90 0.29 27.80
C GLU B 125 -3.52 1.67 28.05
N LEU B 126 -2.98 2.70 27.42
CA LEU B 126 -3.50 4.04 27.59
C LEU B 126 -4.97 4.11 27.17
N THR B 127 -5.29 3.52 26.02
CA THR B 127 -6.65 3.54 25.48
C THR B 127 -7.63 2.67 26.23
N ASN B 128 -7.16 1.52 26.69
CA ASN B 128 -8.03 0.65 27.45
C ASN B 128 -8.30 1.32 28.79
N THR B 129 -7.23 1.76 29.44
CA THR B 129 -7.34 2.43 30.71
C THR B 129 -8.37 3.57 30.69
N LEU B 130 -8.27 4.45 29.70
CA LEU B 130 -9.20 5.59 29.66
C LEU B 130 -10.47 5.33 28.86
N LYS B 131 -10.67 4.10 28.42
CA LYS B 131 -11.84 3.79 27.61
C LYS B 131 -13.19 4.22 28.19
N PRO B 132 -13.49 3.83 29.45
CA PRO B 132 -14.78 4.21 30.07
C PRO B 132 -14.98 5.70 30.31
N LEU B 133 -13.93 6.48 30.08
CA LEU B 133 -14.02 7.92 30.29
C LEU B 133 -14.14 8.66 28.96
N LEU B 134 -14.04 7.92 27.86
CA LEU B 134 -14.14 8.52 26.53
C LEU B 134 -15.57 8.79 26.11
N ASN B 135 -15.84 10.04 25.72
CA ASN B 135 -17.17 10.40 25.29
C ASN B 135 -17.39 9.88 23.90
N ASN B 136 -18.63 9.91 23.45
CA ASN B 136 -18.93 9.44 22.11
C ASN B 136 -18.37 10.45 21.14
N GLY B 137 -17.78 9.93 20.06
CA GLY B 137 -17.17 10.78 19.06
C GLY B 137 -15.73 11.14 19.41
N ALA B 138 -15.20 10.58 20.50
CA ALA B 138 -13.82 10.86 20.89
C ALA B 138 -12.83 10.38 19.83
N SER B 139 -11.66 11.02 19.77
CA SER B 139 -10.63 10.71 18.78
C SER B 139 -9.26 10.39 19.43
N VAL B 140 -8.64 9.31 18.97
CA VAL B 140 -7.35 8.88 19.52
C VAL B 140 -6.23 8.98 18.48
N LEU B 141 -5.28 9.89 18.71
CA LEU B 141 -4.19 10.10 17.77
C LEU B 141 -2.81 9.70 18.27
N THR B 142 -2.10 8.91 17.45
CA THR B 142 -0.74 8.46 17.75
C THR B 142 0.17 8.99 16.62
N LEU B 143 1.48 8.94 16.84
CA LEU B 143 2.48 9.41 15.87
C LEU B 143 3.34 8.29 15.26
N SER B 144 3.38 8.23 13.92
CA SER B 144 4.17 7.21 13.22
C SER B 144 5.18 7.85 12.27
N TYR B 145 5.85 7.02 11.46
CA TYR B 145 6.87 7.49 10.53
C TYR B 145 7.08 6.50 9.39
N LEU B 146 7.24 7.03 8.18
CA LEU B 146 7.42 6.24 6.97
C LEU B 146 8.22 4.97 7.19
N GLY B 147 9.17 5.04 8.13
CA GLY B 147 10.01 3.91 8.46
C GLY B 147 9.25 2.65 8.83
N SER B 148 7.94 2.76 9.00
CA SER B 148 7.11 1.61 9.34
C SER B 148 6.91 0.71 8.12
N THR B 149 6.59 1.33 6.99
CA THR B 149 6.34 0.60 5.74
C THR B 149 7.50 0.63 4.73
N LYS B 150 8.45 1.53 4.94
CA LYS B 150 9.61 1.61 4.06
C LYS B 150 10.87 1.56 4.90
N TYR B 151 11.99 1.22 4.25
CA TYR B 151 13.26 1.19 4.93
C TYR B 151 13.81 2.58 5.05
N MET B 152 14.14 2.99 6.27
CA MET B 152 14.74 4.29 6.54
C MET B 152 16.00 4.03 7.33
N ALA B 153 17.10 4.57 6.82
CA ALA B 153 18.42 4.39 7.40
C ALA B 153 18.48 4.30 8.92
N HIS B 154 18.89 3.14 9.41
CA HIS B 154 19.06 2.89 10.84
C HIS B 154 17.84 3.05 11.76
N TYR B 155 16.64 3.16 11.19
CA TYR B 155 15.45 3.29 12.02
C TYR B 155 15.28 1.95 12.76
N ASN B 156 15.68 0.89 12.08
CA ASN B 156 15.62 -0.47 12.60
C ASN B 156 14.36 -0.93 13.37
N VAL B 157 14.57 -1.41 14.59
CA VAL B 157 13.49 -1.90 15.42
C VAL B 157 12.38 -0.87 15.57
N MET B 158 12.75 0.41 15.53
CA MET B 158 11.75 1.44 15.66
C MET B 158 10.80 1.32 14.47
N GLY B 159 11.32 0.77 13.37
CA GLY B 159 10.53 0.58 12.17
C GLY B 159 9.52 -0.52 12.39
N LEU B 160 9.96 -1.59 13.04
CA LEU B 160 9.08 -2.72 13.36
C LEU B 160 7.99 -2.28 14.34
N ALA B 161 8.33 -1.36 15.23
CA ALA B 161 7.38 -0.84 16.20
C ALA B 161 6.25 -0.04 15.53
N LYS B 162 6.64 0.92 14.70
CA LYS B 162 5.67 1.77 14.02
C LYS B 162 4.74 0.99 13.08
N ALA B 163 5.22 -0.14 12.57
CA ALA B 163 4.41 -0.96 11.69
C ALA B 163 3.33 -1.60 12.57
N ALA B 164 3.75 -2.08 13.74
CA ALA B 164 2.81 -2.69 14.67
C ALA B 164 1.87 -1.59 15.16
N LEU B 165 2.45 -0.42 15.43
CA LEU B 165 1.67 0.72 15.90
C LEU B 165 0.52 1.03 14.96
N GLU B 166 0.83 1.09 13.68
CA GLU B 166 -0.17 1.38 12.64
C GLU B 166 -1.24 0.27 12.56
N SER B 167 -0.81 -0.97 12.71
CA SER B 167 -1.74 -2.08 12.68
C SER B 167 -2.70 -1.93 13.86
N ALA B 168 -2.13 -1.68 15.04
CA ALA B 168 -2.91 -1.46 16.27
C ALA B 168 -3.96 -0.38 16.05
N VAL B 169 -3.57 0.71 15.41
CA VAL B 169 -4.49 1.80 15.10
C VAL B 169 -5.70 1.23 14.34
N ARG B 170 -5.41 0.34 13.38
CA ARG B 170 -6.45 -0.28 12.56
C ARG B 170 -7.40 -1.16 13.37
N TYR B 171 -6.84 -1.93 14.30
CA TYR B 171 -7.65 -2.81 15.14
C TYR B 171 -8.36 -2.05 16.24
N LEU B 172 -7.73 -0.97 16.73
CA LEU B 172 -8.33 -0.16 17.78
C LEU B 172 -9.51 0.67 17.25
N ALA B 173 -9.46 0.98 15.95
CA ALA B 173 -10.52 1.73 15.28
C ALA B 173 -11.77 0.86 15.10
N VAL B 174 -11.56 -0.44 15.04
CA VAL B 174 -12.68 -1.35 14.89
C VAL B 174 -13.25 -1.69 16.27
N ASP B 175 -12.38 -1.81 17.28
CA ASP B 175 -12.79 -2.11 18.64
C ASP B 175 -13.62 -0.98 19.26
N LEU B 176 -13.25 0.25 18.96
CA LEU B 176 -13.93 1.43 19.50
C LEU B 176 -14.92 2.09 18.54
N GLY B 177 -14.87 1.70 17.27
CA GLY B 177 -15.76 2.27 16.28
C GLY B 177 -17.20 2.07 16.69
N LYS B 178 -17.46 0.91 17.29
CA LYS B 178 -18.78 0.56 17.79
C LYS B 178 -19.30 1.75 18.61
N HIS B 179 -18.54 2.14 19.63
CA HIS B 179 -18.90 3.25 20.51
C HIS B 179 -18.58 4.62 19.90
N HIS B 180 -18.58 4.69 18.57
CA HIS B 180 -18.32 5.93 17.84
C HIS B 180 -17.00 6.63 18.07
N ILE B 181 -16.01 5.92 18.60
CA ILE B 181 -14.71 6.54 18.86
C ILE B 181 -13.77 6.32 17.67
N ARG B 182 -12.96 7.33 17.35
CA ARG B 182 -12.02 7.26 16.24
C ARG B 182 -10.56 7.08 16.65
N VAL B 183 -9.80 6.42 15.78
CA VAL B 183 -8.39 6.17 16.01
C VAL B 183 -7.62 6.41 14.70
N ASN B 184 -6.53 7.16 14.78
CA ASN B 184 -5.70 7.40 13.61
C ASN B 184 -4.25 7.56 14.01
N ALA B 185 -3.39 7.60 13.00
CA ALA B 185 -1.96 7.80 13.18
C ALA B 185 -1.57 8.94 12.25
N LEU B 186 -0.76 9.85 12.75
CA LEU B 186 -0.30 10.95 11.92
C LEU B 186 1.15 10.54 11.61
N SER B 187 1.48 10.45 10.32
CA SER B 187 2.84 10.08 9.92
C SER B 187 3.65 11.31 9.55
N ALA B 188 4.29 11.92 10.53
CA ALA B 188 5.06 13.11 10.29
C ALA B 188 6.40 12.80 9.64
N GLY B 189 6.93 13.79 8.93
CA GLY B 189 8.24 13.64 8.32
C GLY B 189 9.25 14.06 9.37
N PRO B 190 10.56 13.84 9.14
CA PRO B 190 11.61 14.22 10.10
C PRO B 190 11.45 15.66 10.59
N ILE B 191 11.68 15.85 11.89
CA ILE B 191 11.57 17.16 12.51
C ILE B 191 12.42 17.23 13.78
N ARG B 192 13.08 18.35 13.99
CA ARG B 192 13.95 18.53 15.16
C ARG B 192 13.25 18.59 16.52
N THR B 193 13.51 17.58 17.34
CA THR B 193 12.95 17.50 18.69
C THR B 193 13.98 16.81 19.60
N LEU B 194 13.76 16.84 20.92
CA LEU B 194 14.70 16.22 21.85
C LEU B 194 15.08 14.79 21.42
N ALA B 195 14.08 13.95 21.13
CA ALA B 195 14.33 12.57 20.72
C ALA B 195 15.16 12.44 19.44
N SER B 196 14.88 13.30 18.46
CA SER B 196 15.60 13.26 17.19
C SER B 196 17.02 13.80 17.29
N SER B 197 17.21 14.85 18.10
CA SER B 197 18.54 15.43 18.28
C SER B 197 19.49 14.42 18.93
N GLY B 198 18.97 13.25 19.25
CA GLY B 198 19.79 12.22 19.87
C GLY B 198 20.18 11.16 18.88
N ILE B 199 19.49 11.16 17.74
CA ILE B 199 19.73 10.19 16.67
C ILE B 199 20.91 10.61 15.80
N ALA B 200 21.80 9.65 15.52
CA ALA B 200 22.99 9.89 14.72
C ALA B 200 22.71 10.40 13.30
N ASP B 201 23.43 11.46 12.93
CA ASP B 201 23.31 12.09 11.62
C ASP B 201 21.87 12.36 11.17
N PHE B 202 21.08 12.93 12.08
CA PHE B 202 19.70 13.25 11.79
C PHE B 202 19.66 14.45 10.86
N ARG B 203 20.68 15.30 10.95
CA ARG B 203 20.71 16.49 10.10
C ARG B 203 20.73 16.06 8.63
N MET B 204 21.23 14.86 8.37
CA MET B 204 21.28 14.34 7.01
C MET B 204 19.89 13.91 6.54
N ILE B 205 19.22 13.11 7.37
CA ILE B 205 17.86 12.65 7.04
C ILE B 205 16.98 13.85 6.72
N LEU B 206 17.20 14.92 7.47
CA LEU B 206 16.45 16.18 7.34
C LEU B 206 16.78 16.88 6.01
N LYS B 207 18.03 16.81 5.58
CA LYS B 207 18.44 17.44 4.33
C LYS B 207 17.91 16.64 3.14
N TRP B 208 17.93 15.31 3.26
CA TRP B 208 17.45 14.48 2.17
C TRP B 208 15.96 14.69 1.94
N ASN B 209 15.22 14.91 3.02
CA ASN B 209 13.79 15.15 2.89
C ASN B 209 13.49 16.52 2.33
N GLU B 210 14.16 17.55 2.84
CA GLU B 210 13.92 18.89 2.35
C GLU B 210 14.16 19.01 0.84
N ILE B 211 15.28 18.44 0.40
CA ILE B 211 15.70 18.47 -1.00
C ILE B 211 14.90 17.58 -1.95
N ASN B 212 14.48 16.41 -1.48
CA ASN B 212 13.73 15.49 -2.32
C ASN B 212 12.20 15.49 -2.11
N ALA B 213 11.70 16.21 -1.12
CA ALA B 213 10.25 16.26 -0.87
C ALA B 213 9.57 17.16 -1.90
N PRO B 214 8.39 16.75 -2.41
CA PRO B 214 7.67 17.56 -3.39
C PRO B 214 7.63 19.05 -3.05
N LEU B 215 7.25 19.41 -1.83
CA LEU B 215 7.21 20.83 -1.47
C LEU B 215 8.59 21.43 -1.22
N ARG B 216 9.61 20.59 -1.36
CA ARG B 216 10.99 21.01 -1.20
C ARG B 216 11.22 21.78 0.08
N LYS B 217 10.72 21.25 1.19
CA LYS B 217 10.90 21.90 2.48
C LYS B 217 10.64 20.91 3.59
N ASN B 218 11.00 21.27 4.81
CA ASN B 218 10.74 20.39 5.94
C ASN B 218 9.47 20.86 6.57
N VAL B 219 8.72 19.93 7.14
CA VAL B 219 7.46 20.29 7.76
C VAL B 219 7.73 21.06 9.05
N SER B 220 6.86 22.01 9.35
CA SER B 220 7.00 22.79 10.57
C SER B 220 6.28 22.07 11.71
N LEU B 221 6.59 22.48 12.93
CA LEU B 221 5.96 21.91 14.10
C LEU B 221 4.50 22.36 14.05
N GLU B 222 4.28 23.57 13.54
CA GLU B 222 2.95 24.12 13.38
C GLU B 222 2.14 23.29 12.37
N GLU B 223 2.78 22.87 11.28
CA GLU B 223 2.07 22.07 10.31
C GLU B 223 1.66 20.74 10.92
N VAL B 224 2.59 20.08 11.61
CA VAL B 224 2.27 18.80 12.24
C VAL B 224 1.18 19.01 13.29
N GLY B 225 1.26 20.10 14.04
CA GLY B 225 0.27 20.40 15.05
C GLY B 225 -1.14 20.57 14.48
N ASN B 226 -1.24 21.25 13.34
CA ASN B 226 -2.52 21.48 12.70
C ASN B 226 -3.11 20.21 12.07
N ALA B 227 -2.26 19.35 11.51
CA ALA B 227 -2.76 18.11 10.96
C ALA B 227 -3.33 17.32 12.14
N GLY B 228 -2.56 17.25 13.21
CA GLY B 228 -3.02 16.55 14.40
C GLY B 228 -4.35 17.12 14.87
N MET B 229 -4.38 18.42 15.15
CA MET B 229 -5.60 19.06 15.60
C MET B 229 -6.80 18.67 14.73
N TYR B 230 -6.61 18.71 13.41
CA TYR B 230 -7.66 18.33 12.47
C TYR B 230 -8.15 16.90 12.79
N LEU B 231 -7.21 15.96 12.78
CA LEU B 231 -7.49 14.56 13.07
C LEU B 231 -8.23 14.31 14.39
N LEU B 232 -8.00 15.18 15.37
CA LEU B 232 -8.62 15.06 16.69
C LEU B 232 -9.97 15.80 16.81
N SER B 233 -10.27 16.67 15.84
CA SER B 233 -11.50 17.45 15.84
C SER B 233 -12.58 16.80 14.99
N SER B 234 -13.83 17.25 15.20
CA SER B 234 -14.98 16.73 14.47
C SER B 234 -14.91 17.09 12.99
N LEU B 235 -13.90 17.86 12.64
CA LEU B 235 -13.70 18.26 11.25
C LEU B 235 -13.46 16.97 10.47
N SER B 236 -12.91 15.96 11.16
CA SER B 236 -12.60 14.67 10.57
C SER B 236 -13.34 13.50 11.20
N SER B 237 -14.61 13.72 11.52
CA SER B 237 -15.41 12.67 12.14
C SER B 237 -15.72 11.50 11.22
N GLY B 238 -15.42 11.66 9.94
CA GLY B 238 -15.65 10.58 8.99
C GLY B 238 -14.34 9.93 8.60
N VAL B 239 -13.30 10.16 9.39
CA VAL B 239 -11.96 9.63 9.15
C VAL B 239 -11.48 8.76 10.31
N SER B 240 -11.18 7.50 10.02
CA SER B 240 -10.68 6.63 11.08
C SER B 240 -9.80 5.52 10.54
N GLY B 241 -8.91 5.01 11.39
CA GLY B 241 -8.02 3.93 10.99
C GLY B 241 -7.14 4.39 9.84
N GLU B 242 -6.94 5.70 9.79
CA GLU B 242 -6.15 6.30 8.74
C GLU B 242 -4.73 6.67 9.19
N VAL B 243 -3.76 6.43 8.31
CA VAL B 243 -2.37 6.79 8.56
C VAL B 243 -2.23 8.01 7.66
N HIS B 244 -2.24 9.20 8.27
CA HIS B 244 -2.18 10.46 7.57
C HIS B 244 -0.78 11.10 7.55
N PHE B 245 -0.23 11.24 6.35
CA PHE B 245 1.09 11.81 6.15
C PHE B 245 1.11 13.32 6.16
N VAL B 246 2.05 13.87 6.91
CA VAL B 246 2.30 15.30 7.03
C VAL B 246 3.81 15.35 6.88
N ASP B 247 4.27 15.20 5.63
CA ASP B 247 5.69 15.15 5.31
C ASP B 247 6.10 15.99 4.09
N ALA B 248 5.42 17.08 3.84
CA ALA B 248 5.79 17.89 2.69
C ALA B 248 5.70 17.05 1.41
N GLY B 249 4.90 15.98 1.44
CA GLY B 249 4.71 15.11 0.28
C GLY B 249 5.81 14.08 0.05
N TYR B 250 6.73 13.98 0.98
CA TYR B 250 7.85 13.04 0.82
C TYR B 250 7.49 11.59 0.51
N HIS B 251 6.41 11.08 1.08
CA HIS B 251 5.99 9.69 0.88
C HIS B 251 5.81 9.22 -0.58
N VAL B 252 5.49 10.14 -1.49
CA VAL B 252 5.26 9.76 -2.90
C VAL B 252 6.54 9.38 -3.65
N MET B 253 7.67 10.01 -3.29
CA MET B 253 8.92 9.76 -4.00
C MET B 253 9.34 8.29 -4.10
N GLY B 254 9.61 7.85 -5.32
CA GLY B 254 10.05 6.47 -5.53
C GLY B 254 11.55 6.45 -5.73
N MET B 255 12.15 7.63 -5.71
CA MET B 255 13.58 7.81 -5.89
C MET B 255 13.91 9.28 -5.64
N GLY B 256 15.19 9.62 -5.75
CA GLY B 256 15.59 10.99 -5.54
C GLY B 256 14.99 11.94 -6.56
N ALA B 257 14.67 13.15 -6.09
CA ALA B 257 14.10 14.16 -6.95
C ALA B 257 15.12 14.54 -8.01
N VAL B 258 14.64 15.02 -9.15
CA VAL B 258 15.49 15.43 -10.26
C VAL B 258 14.78 16.50 -11.09
N GLU B 259 13.48 16.28 -11.27
CA GLU B 259 12.56 17.14 -12.01
C GLU B 259 12.98 18.57 -12.35
N GLU B 260 13.51 19.31 -11.37
CA GLU B 260 13.91 20.69 -11.63
C GLU B 260 15.01 20.79 -12.70
N LYS B 261 16.03 19.94 -12.58
CA LYS B 261 17.12 19.95 -13.58
C LYS B 261 16.82 18.97 -14.71
N ASP B 262 16.82 19.45 -15.95
CA ASP B 262 16.53 18.59 -17.10
C ASP B 262 17.51 18.58 -18.26
N ASN B 263 18.68 19.19 -18.09
CA ASN B 263 19.66 19.17 -19.19
C ASN B 263 19.91 17.74 -19.63
N LYS B 264 20.15 16.90 -18.63
CA LYS B 264 20.41 15.49 -18.81
C LYS B 264 19.77 14.82 -17.60
N ALA B 265 19.05 15.64 -16.82
CA ALA B 265 18.38 15.19 -15.61
C ALA B 265 19.39 14.81 -14.53
N THR B 266 19.55 15.67 -13.53
CA THR B 266 20.50 15.37 -12.47
C THR B 266 19.80 15.35 -11.12
N LEU B 267 20.35 14.60 -10.18
CA LEU B 267 19.75 14.54 -8.87
C LEU B 267 19.86 15.90 -8.21
N LEU B 268 18.76 16.35 -7.60
CA LEU B 268 18.73 17.61 -6.88
C LEU B 268 19.75 17.54 -5.76
N TRP B 269 20.02 16.32 -5.30
CA TRP B 269 20.97 16.08 -4.24
C TRP B 269 22.40 16.36 -4.69
N ASP B 270 22.70 16.03 -5.94
CA ASP B 270 24.03 16.26 -6.48
C ASP B 270 24.26 17.73 -6.80
N LEU B 271 23.31 18.57 -6.43
CA LEU B 271 23.42 20.00 -6.69
C LEU B 271 23.17 20.85 -5.46
N HIS B 272 22.65 20.23 -4.40
CA HIS B 272 22.35 20.94 -3.16
C HIS B 272 22.99 20.22 -1.97
N LYS B 273 23.87 20.90 -1.26
CA LYS B 273 24.55 20.31 -0.11
C LYS B 273 25.28 19.03 -0.52
N GLU B 274 25.94 19.09 -1.68
CA GLU B 274 26.70 17.98 -2.25
C GLU B 274 27.00 18.34 -3.71
N GLN B 275 28.23 18.77 -4.00
CA GLN B 275 28.62 19.12 -5.38
C GLN B 275 30.00 18.59 -5.73
N GLY C 2 9.32 -29.88 -17.69
CA GLY C 2 9.30 -28.70 -16.77
C GLY C 2 7.89 -28.41 -16.31
N PHE C 3 7.69 -27.35 -15.54
CA PHE C 3 6.33 -27.05 -15.08
C PHE C 3 5.42 -26.41 -16.10
N LEU C 4 5.78 -26.51 -17.38
CA LEU C 4 4.95 -25.95 -18.44
C LEU C 4 4.79 -26.94 -19.60
N LYS C 5 5.13 -28.21 -19.33
CA LYS C 5 5.03 -29.27 -20.33
C LYS C 5 3.60 -29.43 -20.83
N GLY C 6 3.44 -29.42 -22.15
CA GLY C 6 2.12 -29.56 -22.74
C GLY C 6 1.27 -28.32 -22.61
N LYS C 7 1.88 -27.23 -22.15
CA LYS C 7 1.15 -25.98 -21.97
C LYS C 7 1.38 -25.07 -23.16
N LYS C 8 0.32 -24.38 -23.60
CA LYS C 8 0.40 -23.48 -24.75
C LYS C 8 0.13 -22.04 -24.32
N GLY C 9 0.99 -21.13 -24.76
CA GLY C 9 0.81 -19.75 -24.40
C GLY C 9 1.17 -18.78 -25.50
N LEU C 10 0.52 -17.62 -25.49
CA LEU C 10 0.78 -16.61 -26.49
C LEU C 10 1.73 -15.57 -25.90
N ILE C 11 2.78 -15.21 -26.64
CA ILE C 11 3.72 -14.21 -26.18
C ILE C 11 3.57 -12.96 -27.04
N VAL C 12 3.13 -11.88 -26.41
CA VAL C 12 2.91 -10.62 -27.09
C VAL C 12 3.82 -9.50 -26.63
N GLY C 13 4.60 -8.94 -27.55
CA GLY C 13 5.47 -7.84 -27.17
C GLY C 13 6.95 -7.92 -27.49
N VAL C 14 7.39 -9.01 -28.12
CA VAL C 14 8.81 -9.20 -28.47
C VAL C 14 9.26 -8.27 -29.62
N ALA C 15 10.37 -7.57 -29.39
CA ALA C 15 10.94 -6.65 -30.39
C ALA C 15 12.35 -7.07 -30.77
N ASN C 16 13.05 -7.69 -29.82
CA ASN C 16 14.40 -8.19 -30.03
C ASN C 16 14.75 -9.13 -28.88
N ASN C 17 15.97 -9.66 -28.87
CA ASN C 17 16.37 -10.60 -27.84
C ASN C 17 16.66 -10.02 -26.46
N LYS C 18 16.42 -8.72 -26.28
CA LYS C 18 16.65 -8.10 -24.98
C LYS C 18 15.32 -7.75 -24.31
N SER C 19 14.23 -7.98 -25.05
CA SER C 19 12.89 -7.71 -24.55
C SER C 19 12.53 -8.58 -23.35
N ILE C 20 11.73 -8.00 -22.45
CA ILE C 20 11.26 -8.68 -21.27
C ILE C 20 10.46 -9.88 -21.70
N ALA C 21 9.60 -9.69 -22.69
CA ALA C 21 8.77 -10.77 -23.20
C ALA C 21 9.64 -11.92 -23.73
N TYR C 22 10.88 -11.61 -24.11
CA TYR C 22 11.79 -12.64 -24.59
C TYR C 22 12.31 -13.45 -23.40
N GLY C 23 12.81 -12.76 -22.36
CA GLY C 23 13.30 -13.44 -21.18
C GLY C 23 12.24 -14.38 -20.65
N ILE C 24 11.01 -13.88 -20.60
CA ILE C 24 9.86 -14.66 -20.13
C ILE C 24 9.65 -15.87 -21.03
N ALA C 25 9.79 -15.65 -22.34
CA ALA C 25 9.63 -16.70 -23.34
C ALA C 25 10.73 -17.74 -23.18
N GLN C 26 11.97 -17.28 -23.12
CA GLN C 26 13.12 -18.17 -22.97
C GLN C 26 12.90 -19.11 -21.79
N SER C 27 12.58 -18.53 -20.64
CA SER C 27 12.32 -19.29 -19.42
C SER C 27 11.17 -20.29 -19.60
N CYS C 28 10.08 -19.86 -20.21
CA CYS C 28 8.94 -20.76 -20.42
C CYS C 28 9.34 -21.89 -21.38
N PHE C 29 10.19 -21.58 -22.36
CA PHE C 29 10.63 -22.60 -23.29
C PHE C 29 11.35 -23.70 -22.53
N ASN C 30 12.34 -23.30 -21.75
CA ASN C 30 13.12 -24.25 -20.96
C ASN C 30 12.26 -25.13 -20.05
N GLN C 31 10.96 -24.86 -19.97
CA GLN C 31 10.08 -25.65 -19.12
C GLN C 31 9.04 -26.45 -19.88
N GLY C 32 9.26 -26.66 -21.17
CA GLY C 32 8.35 -27.45 -21.98
C GLY C 32 7.12 -26.76 -22.53
N ALA C 33 7.13 -25.43 -22.54
CA ALA C 33 5.99 -24.69 -23.06
C ALA C 33 6.00 -24.63 -24.58
N THR C 34 4.81 -24.69 -25.17
CA THR C 34 4.65 -24.57 -26.62
C THR C 34 4.32 -23.10 -26.80
N LEU C 35 5.21 -22.37 -27.46
CA LEU C 35 5.01 -20.95 -27.64
C LEU C 35 4.47 -20.49 -28.99
N ALA C 36 3.95 -19.26 -28.98
CA ALA C 36 3.41 -18.58 -30.14
C ALA C 36 3.77 -17.11 -29.96
N PHE C 37 4.12 -16.42 -31.05
CA PHE C 37 4.49 -15.02 -30.95
C PHE C 37 3.76 -14.11 -31.92
N THR C 38 3.71 -12.83 -31.56
CA THR C 38 3.11 -11.79 -32.37
C THR C 38 4.18 -10.74 -32.61
N TYR C 39 3.91 -9.82 -33.53
CA TYR C 39 4.87 -8.75 -33.82
C TYR C 39 4.12 -7.50 -34.27
N LEU C 40 4.70 -6.34 -33.96
CA LEU C 40 4.06 -5.08 -34.30
C LEU C 40 3.99 -4.85 -35.79
N ASN C 41 5.13 -4.91 -36.46
CA ASN C 41 5.18 -4.72 -37.90
C ASN C 41 6.23 -5.62 -38.55
N GLU C 42 6.46 -5.43 -39.84
CA GLU C 42 7.42 -6.25 -40.58
C GLU C 42 8.85 -6.02 -40.11
N SER C 43 9.16 -4.80 -39.71
CA SER C 43 10.51 -4.51 -39.23
C SER C 43 10.84 -5.31 -37.94
N LEU C 44 9.88 -5.43 -37.04
CA LEU C 44 10.12 -6.19 -35.81
C LEU C 44 10.01 -7.69 -36.06
N GLU C 45 9.25 -8.04 -37.10
CA GLU C 45 9.07 -9.45 -37.49
C GLU C 45 10.44 -10.03 -37.86
N LYS C 46 11.31 -9.18 -38.37
CA LYS C 46 12.64 -9.61 -38.78
C LYS C 46 13.46 -10.11 -37.59
N ARG C 47 13.07 -9.68 -36.39
CA ARG C 47 13.75 -10.07 -35.16
C ARG C 47 12.95 -11.08 -34.36
N VAL C 48 11.63 -11.02 -34.51
CA VAL C 48 10.73 -11.95 -33.82
C VAL C 48 10.75 -13.33 -34.49
N ARG C 49 11.15 -13.39 -35.75
CA ARG C 49 11.20 -14.66 -36.47
C ARG C 49 12.33 -15.59 -36.00
N PRO C 50 13.59 -15.19 -36.14
CA PRO C 50 14.62 -16.13 -35.65
C PRO C 50 14.37 -16.51 -34.20
N ILE C 51 14.13 -15.50 -33.36
CA ILE C 51 13.85 -15.73 -31.94
C ILE C 51 12.79 -16.81 -31.83
N ALA C 52 11.72 -16.69 -32.59
CA ALA C 52 10.65 -17.68 -32.57
C ALA C 52 11.18 -19.05 -32.97
N GLN C 53 11.99 -19.11 -34.03
CA GLN C 53 12.57 -20.39 -34.45
C GLN C 53 13.40 -20.93 -33.28
N GLU C 54 14.32 -20.10 -32.79
CA GLU C 54 15.18 -20.48 -31.67
C GLU C 54 14.48 -21.16 -30.51
N LEU C 55 13.15 -21.07 -30.46
CA LEU C 55 12.39 -21.64 -29.36
C LEU C 55 11.34 -22.63 -29.83
N ASN C 56 11.66 -23.38 -30.88
CA ASN C 56 10.76 -24.40 -31.43
C ASN C 56 9.35 -23.88 -31.69
N SER C 57 9.23 -22.62 -32.10
CA SER C 57 7.90 -22.07 -32.36
C SER C 57 7.68 -21.64 -33.80
N PRO C 58 6.70 -22.27 -34.49
CA PRO C 58 6.40 -21.92 -35.89
C PRO C 58 5.15 -21.05 -36.01
N TYR C 59 4.62 -20.61 -34.87
CA TYR C 59 3.42 -19.78 -34.83
C TYR C 59 3.80 -18.31 -34.64
N VAL C 60 3.70 -17.52 -35.72
CA VAL C 60 4.04 -16.10 -35.67
C VAL C 60 2.98 -15.24 -36.36
N TYR C 61 2.26 -14.44 -35.58
CA TYR C 61 1.19 -13.59 -36.11
C TYR C 61 1.44 -12.09 -35.95
N GLU C 62 0.80 -11.29 -36.81
CA GLU C 62 0.95 -9.83 -36.76
C GLU C 62 -0.11 -9.25 -35.86
N LEU C 63 0.30 -8.37 -34.97
CA LEU C 63 -0.63 -7.77 -34.07
C LEU C 63 -0.20 -6.38 -33.57
N ASP C 64 -0.95 -5.38 -34.01
CA ASP C 64 -0.75 -3.98 -33.63
C ASP C 64 -2.00 -3.73 -32.80
N VAL C 65 -1.82 -3.66 -31.48
CA VAL C 65 -2.96 -3.48 -30.56
C VAL C 65 -3.98 -2.39 -30.88
N SER C 66 -3.62 -1.44 -31.74
CA SER C 66 -4.50 -0.35 -32.13
C SER C 66 -5.40 -0.73 -33.31
N LYS C 67 -5.10 -1.86 -33.93
CA LYS C 67 -5.87 -2.37 -35.07
C LYS C 67 -6.85 -3.45 -34.64
N GLU C 68 -8.10 -3.08 -34.44
CA GLU C 68 -9.11 -4.03 -34.02
C GLU C 68 -9.23 -5.28 -34.89
N GLU C 69 -8.91 -5.15 -36.18
CA GLU C 69 -8.99 -6.29 -37.09
C GLU C 69 -7.92 -7.35 -36.83
N HIS C 70 -6.73 -6.90 -36.41
CA HIS C 70 -5.65 -7.83 -36.10
C HIS C 70 -6.05 -8.81 -35.01
N PHE C 71 -6.86 -8.35 -34.08
CA PHE C 71 -7.31 -9.19 -32.98
C PHE C 71 -8.24 -10.28 -33.48
N LYS C 72 -9.07 -9.95 -34.47
CA LYS C 72 -9.98 -10.93 -35.06
C LYS C 72 -9.17 -12.01 -35.81
N SER C 73 -8.09 -11.60 -36.46
CA SER C 73 -7.23 -12.56 -37.16
C SER C 73 -6.59 -13.48 -36.13
N LEU C 74 -6.01 -12.87 -35.10
CA LEU C 74 -5.34 -13.56 -34.01
C LEU C 74 -6.20 -14.68 -33.42
N TYR C 75 -7.45 -14.37 -33.12
CA TYR C 75 -8.34 -15.38 -32.56
C TYR C 75 -8.41 -16.54 -33.55
N ASN C 76 -8.74 -16.23 -34.79
CA ASN C 76 -8.82 -17.27 -35.80
C ASN C 76 -7.51 -18.06 -35.88
N SER C 77 -6.37 -17.36 -35.85
CA SER C 77 -5.05 -18.00 -35.92
C SER C 77 -4.74 -19.08 -34.87
N VAL C 78 -4.79 -18.70 -33.60
CA VAL C 78 -4.51 -19.65 -32.53
C VAL C 78 -5.59 -20.73 -32.37
N LYS C 79 -6.81 -20.45 -32.80
CA LYS C 79 -7.88 -21.44 -32.72
C LYS C 79 -7.52 -22.56 -33.70
N LYS C 80 -6.95 -22.17 -34.84
CA LYS C 80 -6.55 -23.13 -35.86
C LYS C 80 -5.21 -23.77 -35.50
N ASP C 81 -4.20 -22.94 -35.32
CA ASP C 81 -2.84 -23.38 -35.02
C ASP C 81 -2.59 -24.07 -33.67
N LEU C 82 -3.31 -23.68 -32.62
CA LEU C 82 -3.08 -24.26 -31.29
C LEU C 82 -4.32 -24.74 -30.55
N GLY C 83 -5.49 -24.45 -31.08
CA GLY C 83 -6.71 -24.89 -30.42
C GLY C 83 -7.06 -24.14 -29.15
N SER C 84 -6.10 -24.01 -28.23
CA SER C 84 -6.35 -23.32 -26.95
C SER C 84 -5.08 -22.70 -26.31
N LEU C 85 -5.28 -21.86 -25.31
CA LEU C 85 -4.19 -21.18 -24.61
C LEU C 85 -4.21 -21.42 -23.10
N ASP C 86 -3.04 -21.71 -22.54
CA ASP C 86 -2.97 -21.92 -21.12
C ASP C 86 -2.45 -20.67 -20.46
N PHE C 87 -1.67 -19.91 -21.21
CA PHE C 87 -1.13 -18.68 -20.67
C PHE C 87 -0.94 -17.60 -21.70
N ILE C 88 -0.94 -16.37 -21.22
CA ILE C 88 -0.75 -15.21 -22.09
C ILE C 88 0.20 -14.21 -21.47
N VAL C 89 1.08 -13.66 -22.29
CA VAL C 89 2.01 -12.65 -21.83
C VAL C 89 1.71 -11.37 -22.57
N HIS C 90 1.32 -10.35 -21.83
CA HIS C 90 0.99 -9.05 -22.37
C HIS C 90 2.12 -8.11 -22.01
N SER C 91 3.08 -7.95 -22.90
CA SER C 91 4.23 -7.10 -22.64
C SER C 91 4.26 -5.95 -23.64
N VAL C 92 3.30 -5.03 -23.55
CA VAL C 92 3.24 -3.90 -24.48
C VAL C 92 3.01 -2.56 -23.80
N ALA C 93 3.78 -1.57 -24.24
CA ALA C 93 3.67 -0.21 -23.70
C ALA C 93 4.23 0.84 -24.67
N PHE C 94 3.55 1.99 -24.72
CA PHE C 94 3.99 3.07 -25.58
C PHE C 94 3.39 4.42 -25.21
N ALA C 95 4.12 5.48 -25.54
CA ALA C 95 3.71 6.86 -25.31
C ALA C 95 4.76 7.68 -26.04
N PRO C 96 4.34 8.79 -26.66
CA PRO C 96 5.28 9.65 -27.39
C PRO C 96 6.50 10.07 -26.56
N LYS C 97 7.65 10.15 -27.21
CA LYS C 97 8.90 10.55 -26.56
C LYS C 97 8.68 11.77 -25.67
N GLU C 98 7.99 12.77 -26.21
CA GLU C 98 7.74 14.01 -25.48
C GLU C 98 7.10 13.80 -24.11
N ALA C 99 6.05 12.96 -24.06
CA ALA C 99 5.32 12.68 -22.82
C ALA C 99 6.20 12.08 -21.74
N LEU C 100 7.27 11.39 -22.15
CA LEU C 100 8.22 10.77 -21.22
C LEU C 100 9.36 11.70 -20.80
N GLU C 101 9.20 12.99 -21.05
CA GLU C 101 10.19 13.95 -20.62
C GLU C 101 9.45 15.18 -20.12
N GLY C 102 10.15 16.07 -19.43
CA GLY C 102 9.46 17.23 -18.90
C GLY C 102 8.47 16.75 -17.85
N SER C 103 7.35 17.45 -17.72
CA SER C 103 6.35 17.13 -16.71
C SER C 103 5.05 16.51 -17.24
N LEU C 104 4.25 15.99 -16.30
CA LEU C 104 2.95 15.38 -16.57
C LEU C 104 1.98 16.49 -17.01
N LEU C 105 2.19 17.69 -16.49
CA LEU C 105 1.37 18.86 -16.80
C LEU C 105 1.32 19.16 -18.31
N GLU C 106 2.42 18.98 -19.01
CA GLU C 106 2.46 19.29 -20.44
C GLU C 106 1.88 18.25 -21.40
N THR C 107 1.46 17.09 -20.87
CA THR C 107 0.91 16.02 -21.69
C THR C 107 -0.31 16.48 -22.48
N SER C 108 -0.31 16.20 -23.78
CA SER C 108 -1.43 16.58 -24.63
C SER C 108 -2.53 15.53 -24.49
N LYS C 109 -3.79 15.90 -24.78
CA LYS C 109 -4.88 14.91 -24.69
C LYS C 109 -4.57 13.72 -25.60
N SER C 110 -3.90 14.01 -26.71
CA SER C 110 -3.56 12.98 -27.70
C SER C 110 -2.55 11.97 -27.22
N ALA C 111 -1.56 12.41 -26.47
CA ALA C 111 -0.54 11.50 -25.96
C ALA C 111 -1.14 10.69 -24.81
N PHE C 112 -1.97 11.35 -24.01
CA PHE C 112 -2.63 10.72 -22.88
C PHE C 112 -3.37 9.48 -23.37
N ASN C 113 -4.23 9.67 -24.38
CA ASN C 113 -5.03 8.56 -24.90
C ASN C 113 -4.21 7.45 -25.51
N THR C 114 -3.22 7.80 -26.32
CA THR C 114 -2.37 6.80 -26.93
C THR C 114 -1.73 5.95 -25.84
N ALA C 115 -1.19 6.61 -24.82
CA ALA C 115 -0.55 5.89 -23.74
C ALA C 115 -1.54 4.98 -22.99
N MET C 116 -2.77 5.45 -22.78
CA MET C 116 -3.76 4.62 -22.08
C MET C 116 -4.25 3.46 -22.96
N GLU C 117 -4.46 3.73 -24.24
CA GLU C 117 -4.94 2.71 -25.16
C GLU C 117 -3.94 1.58 -25.37
N ILE C 118 -2.77 1.91 -25.90
CA ILE C 118 -1.79 0.88 -26.16
C ILE C 118 -1.31 0.18 -24.92
N SER C 119 -1.18 0.91 -23.82
CA SER C 119 -0.66 0.32 -22.59
C SER C 119 -1.65 -0.30 -21.64
N VAL C 120 -2.92 0.05 -21.74
CA VAL C 120 -3.87 -0.51 -20.80
C VAL C 120 -5.04 -1.23 -21.44
N TYR C 121 -5.77 -0.52 -22.29
CA TYR C 121 -6.92 -1.10 -22.95
C TYR C 121 -6.56 -2.36 -23.71
N SER C 122 -5.34 -2.37 -24.26
CA SER C 122 -4.87 -3.50 -25.03
C SER C 122 -4.91 -4.79 -24.22
N LEU C 123 -4.71 -4.70 -22.91
CA LEU C 123 -4.77 -5.89 -22.07
C LEU C 123 -6.23 -6.35 -22.05
N ILE C 124 -7.15 -5.40 -21.96
CA ILE C 124 -8.58 -5.71 -21.95
C ILE C 124 -9.03 -6.38 -23.25
N GLU C 125 -8.64 -5.79 -24.37
CA GLU C 125 -9.02 -6.34 -25.67
C GLU C 125 -8.34 -7.70 -25.92
N LEU C 126 -7.05 -7.80 -25.63
CA LEU C 126 -6.34 -9.05 -25.85
C LEU C 126 -6.95 -10.20 -25.05
N THR C 127 -7.32 -9.93 -23.79
CA THR C 127 -7.90 -10.96 -22.94
C THR C 127 -9.33 -11.31 -23.31
N ASN C 128 -10.14 -10.29 -23.56
CA ASN C 128 -11.55 -10.47 -23.94
C ASN C 128 -11.68 -11.23 -25.26
N THR C 129 -10.73 -11.00 -26.17
CA THR C 129 -10.73 -11.65 -27.47
C THR C 129 -10.40 -13.13 -27.42
N LEU C 130 -9.41 -13.49 -26.62
CA LEU C 130 -8.98 -14.88 -26.53
C LEU C 130 -9.72 -15.67 -25.45
N LYS C 131 -10.50 -14.97 -24.64
CA LYS C 131 -11.23 -15.60 -23.55
C LYS C 131 -11.88 -16.96 -23.86
N PRO C 132 -12.47 -17.12 -25.07
CA PRO C 132 -13.11 -18.40 -25.42
C PRO C 132 -12.10 -19.54 -25.63
N LEU C 133 -10.84 -19.19 -25.90
CA LEU C 133 -9.77 -20.17 -26.12
C LEU C 133 -8.85 -20.40 -24.91
N LEU C 134 -9.27 -19.91 -23.75
CA LEU C 134 -8.46 -20.07 -22.55
C LEU C 134 -8.91 -21.28 -21.74
N ASN C 135 -8.01 -22.23 -21.55
CA ASN C 135 -8.37 -23.41 -20.78
C ASN C 135 -8.46 -23.04 -19.31
N ASN C 136 -9.03 -23.94 -18.52
CA ASN C 136 -9.12 -23.67 -17.10
C ASN C 136 -7.70 -23.60 -16.55
N GLY C 137 -7.49 -22.75 -15.55
CA GLY C 137 -6.18 -22.60 -14.94
C GLY C 137 -5.25 -21.72 -15.76
N ALA C 138 -5.77 -21.11 -16.82
CA ALA C 138 -4.96 -20.24 -17.67
C ALA C 138 -4.39 -19.07 -16.86
N SER C 139 -3.26 -18.53 -17.29
CA SER C 139 -2.64 -17.44 -16.56
C SER C 139 -2.26 -16.24 -17.42
N VAL C 140 -2.78 -15.07 -17.04
CA VAL C 140 -2.51 -13.84 -17.77
C VAL C 140 -1.48 -12.96 -17.04
N LEU C 141 -0.36 -12.69 -17.71
CA LEU C 141 0.69 -11.88 -17.13
C LEU C 141 1.02 -10.63 -17.92
N THR C 142 0.97 -9.48 -17.25
CA THR C 142 1.32 -8.19 -17.86
C THR C 142 2.51 -7.59 -17.09
N LEU C 143 3.08 -6.52 -17.62
CA LEU C 143 4.24 -5.87 -17.01
C LEU C 143 3.99 -4.45 -16.52
N SER C 144 4.50 -4.12 -15.34
CA SER C 144 4.34 -2.77 -14.80
C SER C 144 5.64 -2.28 -14.18
N TYR C 145 5.60 -1.09 -13.58
CA TYR C 145 6.80 -0.50 -13.00
C TYR C 145 6.42 0.41 -11.83
N LEU C 146 7.24 0.39 -10.80
CA LEU C 146 7.07 1.15 -9.57
C LEU C 146 6.49 2.56 -9.78
N GLY C 147 6.64 3.09 -11.00
CA GLY C 147 6.13 4.41 -11.31
C GLY C 147 4.62 4.44 -11.26
N SER C 148 4.01 3.28 -11.08
CA SER C 148 2.56 3.24 -11.00
C SER C 148 2.11 3.87 -9.68
N THR C 149 2.69 3.41 -8.58
CA THR C 149 2.35 3.90 -7.23
C THR C 149 3.36 4.87 -6.58
N LYS C 150 4.49 5.07 -7.23
CA LYS C 150 5.50 6.00 -6.71
C LYS C 150 5.92 6.90 -7.86
N TYR C 151 6.30 8.13 -7.54
CA TYR C 151 6.76 9.02 -8.60
C TYR C 151 8.16 8.60 -9.01
N MET C 152 8.37 8.49 -10.31
CA MET C 152 9.68 8.16 -10.84
C MET C 152 9.97 9.19 -11.92
N ALA C 153 11.21 9.66 -11.93
CA ALA C 153 11.66 10.69 -12.87
C ALA C 153 11.07 10.62 -14.28
N HIS C 154 10.33 11.67 -14.62
CA HIS C 154 9.71 11.85 -15.94
C HIS C 154 8.92 10.66 -16.52
N TYR C 155 8.52 9.70 -15.69
CA TYR C 155 7.81 8.55 -16.18
C TYR C 155 6.43 9.02 -16.64
N ASN C 156 6.00 10.12 -16.02
CA ASN C 156 4.75 10.81 -16.29
C ASN C 156 3.49 9.97 -16.61
N VAL C 157 2.84 10.26 -17.74
CA VAL C 157 1.63 9.57 -18.17
C VAL C 157 1.77 8.06 -18.13
N MET C 158 2.98 7.56 -18.35
CA MET C 158 3.19 6.11 -18.31
C MET C 158 2.99 5.66 -16.86
N GLY C 159 3.14 6.61 -15.94
CA GLY C 159 2.93 6.30 -14.54
C GLY C 159 1.45 6.10 -14.30
N LEU C 160 0.63 6.91 -14.98
CA LEU C 160 -0.83 6.83 -14.88
C LEU C 160 -1.36 5.57 -15.57
N ALA C 161 -0.70 5.18 -16.66
CA ALA C 161 -1.10 4.00 -17.40
C ALA C 161 -0.92 2.76 -16.52
N LYS C 162 0.31 2.59 -16.04
CA LYS C 162 0.68 1.46 -15.21
C LYS C 162 -0.19 1.27 -13.97
N ALA C 163 -0.66 2.37 -13.41
CA ALA C 163 -1.53 2.31 -12.25
C ALA C 163 -2.91 1.82 -12.69
N ALA C 164 -3.40 2.29 -13.83
CA ALA C 164 -4.70 1.83 -14.32
C ALA C 164 -4.54 0.36 -14.68
N LEU C 165 -3.36 0.03 -15.21
CA LEU C 165 -3.04 -1.34 -15.60
C LEU C 165 -3.01 -2.29 -14.42
N GLU C 166 -2.53 -1.85 -13.26
CA GLU C 166 -2.48 -2.71 -12.07
C GLU C 166 -3.87 -2.88 -11.48
N SER C 167 -4.70 -1.86 -11.68
CA SER C 167 -6.08 -1.91 -11.23
C SER C 167 -6.81 -2.82 -12.22
N ALA C 168 -6.51 -2.71 -13.51
CA ALA C 168 -7.12 -3.58 -14.51
C ALA C 168 -6.84 -5.03 -14.07
N VAL C 169 -5.57 -5.34 -13.85
CA VAL C 169 -5.18 -6.67 -13.39
C VAL C 169 -6.07 -7.14 -12.24
N ARG C 170 -6.37 -6.24 -11.31
CA ARG C 170 -7.20 -6.58 -10.16
C ARG C 170 -8.64 -6.90 -10.55
N TYR C 171 -9.21 -6.13 -11.47
CA TYR C 171 -10.59 -6.37 -11.91
C TYR C 171 -10.72 -7.59 -12.80
N LEU C 172 -9.71 -7.82 -13.65
CA LEU C 172 -9.74 -8.99 -14.54
C LEU C 172 -9.62 -10.30 -13.74
N ALA C 173 -8.89 -10.28 -12.63
CA ALA C 173 -8.73 -11.48 -11.79
C ALA C 173 -10.08 -11.92 -11.20
N VAL C 174 -10.94 -10.95 -10.92
CA VAL C 174 -12.26 -11.24 -10.37
C VAL C 174 -13.19 -11.70 -11.49
N ASP C 175 -13.05 -11.10 -12.68
CA ASP C 175 -13.86 -11.45 -13.83
C ASP C 175 -13.56 -12.86 -14.36
N LEU C 176 -12.29 -13.22 -14.40
CA LEU C 176 -11.88 -14.52 -14.91
C LEU C 176 -11.65 -15.54 -13.79
N GLY C 177 -11.55 -15.02 -12.56
CA GLY C 177 -11.31 -15.86 -11.41
C GLY C 177 -12.26 -17.03 -11.30
N LYS C 178 -13.53 -16.79 -11.61
CA LYS C 178 -14.59 -17.81 -11.56
C LYS C 178 -14.29 -18.99 -12.48
N HIS C 179 -13.65 -18.69 -13.61
CA HIS C 179 -13.32 -19.72 -14.58
C HIS C 179 -11.92 -20.28 -14.32
N HIS C 180 -11.45 -20.10 -13.09
CA HIS C 180 -10.16 -20.61 -12.65
C HIS C 180 -8.98 -20.03 -13.42
N ILE C 181 -9.18 -18.86 -14.02
CA ILE C 181 -8.12 -18.23 -14.77
C ILE C 181 -7.48 -17.17 -13.85
N ARG C 182 -6.15 -17.11 -13.88
CA ARG C 182 -5.39 -16.17 -13.07
C ARG C 182 -4.86 -14.96 -13.85
N VAL C 183 -4.82 -13.82 -13.19
CA VAL C 183 -4.31 -12.59 -13.80
C VAL C 183 -3.33 -11.92 -12.82
N ASN C 184 -2.11 -11.67 -13.29
CA ASN C 184 -1.12 -11.02 -12.45
C ASN C 184 -0.32 -9.98 -13.22
N ALA C 185 0.53 -9.28 -12.50
CA ALA C 185 1.42 -8.28 -13.08
C ALA C 185 2.76 -8.51 -12.47
N LEU C 186 3.79 -8.39 -13.28
CA LEU C 186 5.14 -8.55 -12.81
C LEU C 186 5.70 -7.13 -12.90
N SER C 187 6.05 -6.53 -11.76
CA SER C 187 6.60 -5.17 -11.75
C SER C 187 8.10 -5.27 -11.74
N ALA C 188 8.69 -5.18 -12.92
CA ALA C 188 10.14 -5.32 -13.04
C ALA C 188 10.89 -4.05 -12.70
N GLY C 189 12.15 -4.23 -12.28
CA GLY C 189 12.96 -3.07 -11.98
C GLY C 189 13.54 -2.61 -13.31
N PRO C 190 14.19 -1.44 -13.36
CA PRO C 190 14.75 -0.95 -14.63
C PRO C 190 15.70 -1.98 -15.23
N ILE C 191 15.70 -2.05 -16.56
CA ILE C 191 16.55 -2.95 -17.33
C ILE C 191 16.61 -2.51 -18.78
N ARG C 192 17.83 -2.48 -19.33
CA ARG C 192 18.09 -2.06 -20.70
C ARG C 192 17.40 -2.90 -21.79
N THR C 193 16.52 -2.23 -22.55
CA THR C 193 15.78 -2.84 -23.66
C THR C 193 15.54 -1.77 -24.74
N LEU C 194 14.94 -2.17 -25.86
CA LEU C 194 14.69 -1.22 -26.92
C LEU C 194 13.97 0.05 -26.45
N ALA C 195 12.75 -0.11 -25.91
CA ALA C 195 11.94 1.01 -25.43
C ALA C 195 12.61 1.91 -24.40
N SER C 196 13.40 1.31 -23.52
CA SER C 196 14.11 2.03 -22.47
C SER C 196 15.35 2.77 -23.00
N SER C 197 16.00 2.20 -24.01
CA SER C 197 17.18 2.84 -24.58
C SER C 197 16.76 4.15 -25.23
N GLY C 198 15.45 4.32 -25.42
CA GLY C 198 14.96 5.54 -26.03
C GLY C 198 14.51 6.57 -25.02
N ILE C 199 14.64 6.24 -23.73
CA ILE C 199 14.25 7.14 -22.65
C ILE C 199 15.38 8.07 -22.21
N ALA C 200 15.06 9.34 -21.98
CA ALA C 200 16.05 10.32 -21.56
C ALA C 200 16.73 9.92 -20.27
N ASP C 201 18.06 9.95 -20.28
CA ASP C 201 18.88 9.64 -19.12
C ASP C 201 18.50 8.34 -18.40
N PHE C 202 18.24 7.29 -19.16
CA PHE C 202 17.85 6.01 -18.57
C PHE C 202 18.99 5.44 -17.75
N ARG C 203 20.22 5.70 -18.19
CA ARG C 203 21.39 5.19 -17.48
C ARG C 203 21.31 5.52 -15.99
N MET C 204 20.91 6.74 -15.68
CA MET C 204 20.79 7.19 -14.29
C MET C 204 19.79 6.38 -13.48
N ILE C 205 18.58 6.18 -14.03
CA ILE C 205 17.55 5.38 -13.35
C ILE C 205 18.19 4.04 -12.95
N LEU C 206 18.90 3.46 -13.91
CA LEU C 206 19.61 2.20 -13.78
C LEU C 206 20.71 2.25 -12.71
N LYS C 207 21.56 3.27 -12.77
CA LYS C 207 22.64 3.39 -11.80
C LYS C 207 22.08 3.54 -10.39
N TRP C 208 21.06 4.39 -10.28
CA TRP C 208 20.44 4.64 -8.98
C TRP C 208 19.88 3.37 -8.34
N ASN C 209 19.25 2.51 -9.14
CA ASN C 209 18.71 1.27 -8.63
C ASN C 209 19.80 0.30 -8.20
N GLU C 210 20.86 0.22 -8.98
CA GLU C 210 21.96 -0.66 -8.64
C GLU C 210 22.62 -0.35 -7.29
N ILE C 211 22.90 0.93 -7.07
CA ILE C 211 23.54 1.39 -5.84
C ILE C 211 22.62 1.42 -4.63
N ASN C 212 21.36 1.75 -4.86
CA ASN C 212 20.40 1.85 -3.79
C ASN C 212 19.53 0.62 -3.52
N ALA C 213 19.60 -0.39 -4.38
CA ALA C 213 18.78 -1.58 -4.21
C ALA C 213 19.33 -2.50 -3.13
N PRO C 214 18.45 -3.19 -2.40
CA PRO C 214 18.96 -4.10 -1.36
C PRO C 214 20.02 -5.08 -1.87
N LEU C 215 19.76 -5.76 -3.00
CA LEU C 215 20.75 -6.71 -3.52
C LEU C 215 21.92 -6.01 -4.23
N ARG C 216 21.88 -4.68 -4.21
CA ARG C 216 22.91 -3.83 -4.80
C ARG C 216 23.31 -4.18 -6.22
N LYS C 217 22.35 -4.55 -7.06
CA LYS C 217 22.65 -4.89 -8.44
C LYS C 217 21.42 -4.72 -9.26
N ASN C 218 21.58 -4.64 -10.58
CA ASN C 218 20.40 -4.50 -11.43
C ASN C 218 19.88 -5.90 -11.70
N VAL C 219 18.58 -6.04 -11.92
CA VAL C 219 18.00 -7.35 -12.20
C VAL C 219 18.38 -7.77 -13.60
N SER C 220 18.64 -9.06 -13.77
CA SER C 220 19.01 -9.59 -15.07
C SER C 220 17.74 -9.95 -15.82
N LEU C 221 17.87 -10.02 -17.15
CA LEU C 221 16.77 -10.36 -18.00
C LEU C 221 16.29 -11.76 -17.65
N GLU C 222 17.20 -12.60 -17.21
CA GLU C 222 16.86 -13.97 -16.84
C GLU C 222 15.98 -14.00 -15.58
N GLU C 223 16.29 -13.15 -14.60
CA GLU C 223 15.53 -13.09 -13.35
C GLU C 223 14.10 -12.63 -13.60
N VAL C 224 13.92 -11.74 -14.58
CA VAL C 224 12.57 -11.27 -14.90
C VAL C 224 11.81 -12.43 -15.56
N GLY C 225 12.45 -13.08 -16.53
CA GLY C 225 11.83 -14.20 -17.20
C GLY C 225 11.42 -15.31 -16.24
N ASN C 226 12.34 -15.69 -15.37
CA ASN C 226 12.09 -16.73 -14.37
C ASN C 226 10.91 -16.38 -13.47
N ALA C 227 10.80 -15.11 -13.12
CA ALA C 227 9.69 -14.67 -12.29
C ALA C 227 8.41 -14.85 -13.13
N GLY C 228 8.40 -14.26 -14.32
CA GLY C 228 7.26 -14.38 -15.21
C GLY C 228 6.85 -15.82 -15.48
N MET C 229 7.83 -16.69 -15.72
CA MET C 229 7.54 -18.11 -15.96
C MET C 229 6.79 -18.69 -14.75
N TYR C 230 7.28 -18.38 -13.55
CA TYR C 230 6.65 -18.83 -12.33
C TYR C 230 5.22 -18.34 -12.27
N LEU C 231 5.05 -17.04 -12.48
CA LEU C 231 3.74 -16.43 -12.46
C LEU C 231 2.78 -17.05 -13.46
N LEU C 232 3.32 -17.56 -14.55
CA LEU C 232 2.54 -18.19 -15.62
C LEU C 232 2.37 -19.71 -15.43
N SER C 233 3.14 -20.31 -14.53
CA SER C 233 3.03 -21.75 -14.30
C SER C 233 2.10 -22.08 -13.13
N SER C 234 1.78 -23.38 -13.01
CA SER C 234 0.89 -23.85 -11.96
C SER C 234 1.55 -23.70 -10.60
N LEU C 235 2.85 -23.42 -10.61
CA LEU C 235 3.60 -23.25 -9.38
C LEU C 235 2.94 -22.13 -8.55
N SER C 236 2.27 -21.20 -9.25
CA SER C 236 1.60 -20.05 -8.62
C SER C 236 0.09 -20.09 -8.83
N SER C 237 -0.46 -21.30 -8.85
CA SER C 237 -1.90 -21.49 -9.05
C SER C 237 -2.72 -20.92 -7.91
N GLY C 238 -2.02 -20.47 -6.87
CA GLY C 238 -2.69 -19.90 -5.72
C GLY C 238 -2.42 -18.41 -5.63
N VAL C 239 -1.93 -17.83 -6.73
CA VAL C 239 -1.62 -16.41 -6.81
C VAL C 239 -2.39 -15.75 -7.92
N SER C 240 -3.04 -14.64 -7.59
CA SER C 240 -3.84 -13.92 -8.58
C SER C 240 -4.02 -12.47 -8.16
N GLY C 241 -4.13 -11.59 -9.14
CA GLY C 241 -4.34 -10.18 -8.88
C GLY C 241 -3.18 -9.61 -8.11
N GLU C 242 -2.01 -10.22 -8.30
CA GLU C 242 -0.83 -9.81 -7.58
C GLU C 242 0.16 -8.99 -8.39
N VAL C 243 0.68 -7.94 -7.76
CA VAL C 243 1.70 -7.13 -8.39
C VAL C 243 2.97 -7.68 -7.76
N HIS C 244 3.69 -8.49 -8.54
CA HIS C 244 4.92 -9.13 -8.10
C HIS C 244 6.18 -8.36 -8.50
N PHE C 245 6.89 -7.83 -7.52
CA PHE C 245 8.12 -7.07 -7.76
C PHE C 245 9.35 -7.94 -8.01
N VAL C 246 10.12 -7.57 -9.03
CA VAL C 246 11.38 -8.25 -9.37
C VAL C 246 12.35 -7.12 -9.67
N ASP C 247 12.79 -6.46 -8.60
CA ASP C 247 13.65 -5.30 -8.71
C ASP C 247 14.90 -5.32 -7.82
N ALA C 248 15.36 -6.49 -7.40
CA ALA C 248 16.52 -6.56 -6.53
C ALA C 248 16.15 -5.98 -5.15
N GLY C 249 14.84 -5.96 -4.86
CA GLY C 249 14.35 -5.48 -3.59
C GLY C 249 14.20 -3.97 -3.50
N TYR C 250 14.39 -3.31 -4.64
CA TYR C 250 14.32 -1.86 -4.69
C TYR C 250 13.10 -1.20 -4.06
N HIS C 251 11.91 -1.76 -4.31
CA HIS C 251 10.66 -1.20 -3.79
C HIS C 251 10.64 -0.95 -2.26
N VAL C 252 11.49 -1.62 -1.49
CA VAL C 252 11.47 -1.39 -0.03
C VAL C 252 12.08 -0.05 0.40
N MET C 253 13.04 0.45 -0.36
CA MET C 253 13.72 1.71 -0.01
C MET C 253 12.85 2.97 0.12
N GLY C 254 13.02 3.66 1.24
CA GLY C 254 12.30 4.88 1.51
C GLY C 254 13.25 6.07 1.43
N MET C 255 14.43 5.79 0.92
CA MET C 255 15.48 6.80 0.75
C MET C 255 16.71 6.08 0.25
N GLY C 256 17.71 6.84 -0.16
CA GLY C 256 18.92 6.24 -0.66
C GLY C 256 19.64 5.38 0.37
N ALA C 257 20.28 4.33 -0.11
CA ALA C 257 21.02 3.42 0.76
C ALA C 257 22.15 4.18 1.49
N VAL C 258 22.62 3.62 2.60
CA VAL C 258 23.66 4.24 3.40
C VAL C 258 24.49 3.18 4.11
N GLU C 259 23.77 2.16 4.59
CA GLU C 259 24.29 1.01 5.35
C GLU C 259 25.80 0.69 5.36
N GLU C 260 26.35 0.27 4.22
CA GLU C 260 27.76 -0.11 4.18
C GLU C 260 28.70 0.90 4.85
N LYS C 261 28.39 2.19 4.73
CA LYS C 261 29.23 3.23 5.33
C LYS C 261 28.59 3.80 6.59
N ASP C 262 29.19 3.53 7.75
CA ASP C 262 28.64 4.00 9.03
C ASP C 262 29.47 4.97 9.88
N ASN C 263 30.63 5.41 9.39
CA ASN C 263 31.44 6.36 10.18
C ASN C 263 30.54 7.49 10.66
N LYS C 264 29.81 8.07 9.73
CA LYS C 264 28.88 9.17 9.97
C LYS C 264 27.63 8.84 9.15
N ALA C 265 27.65 7.66 8.52
CA ALA C 265 26.54 7.21 7.68
C ALA C 265 26.45 8.06 6.43
N THR C 266 27.10 7.62 5.36
CA THR C 266 27.10 8.37 4.10
C THR C 266 26.30 7.67 3.02
N LEU C 267 25.72 8.46 2.12
CA LEU C 267 24.93 7.93 1.03
C LEU C 267 25.81 7.15 0.07
N LEU C 268 25.44 5.90 -0.20
CA LEU C 268 26.20 5.05 -1.12
C LEU C 268 26.35 5.68 -2.48
N TRP C 269 25.45 6.60 -2.79
CA TRP C 269 25.48 7.28 -4.08
C TRP C 269 26.64 8.27 -4.13
N ASP C 270 26.88 8.94 -3.00
CA ASP C 270 27.95 9.92 -2.93
C ASP C 270 29.33 9.27 -2.94
N LEU C 271 29.36 7.95 -3.03
CA LEU C 271 30.61 7.21 -3.03
C LEU C 271 30.75 6.33 -4.27
N HIS C 272 29.65 6.11 -4.96
CA HIS C 272 29.63 5.26 -6.16
C HIS C 272 29.13 6.01 -7.39
N LYS C 273 30.01 6.13 -8.37
CA LYS C 273 29.70 6.84 -9.62
C LYS C 273 29.24 8.27 -9.37
N GLU C 274 29.83 8.89 -8.34
CA GLU C 274 29.55 10.26 -7.95
C GLU C 274 30.42 10.58 -6.73
N GLN C 275 31.73 10.71 -6.94
CA GLN C 275 32.67 11.01 -5.86
C GLN C 275 32.90 12.50 -5.75
N GLY D 2 -12.16 32.58 9.52
CA GLY D 2 -11.99 31.15 9.08
C GLY D 2 -10.60 30.90 8.51
N PHE D 3 -10.27 29.65 8.19
CA PHE D 3 -8.95 29.34 7.64
C PHE D 3 -8.78 29.50 6.14
N LEU D 4 -9.74 30.16 5.51
CA LEU D 4 -9.67 30.44 4.09
C LEU D 4 -10.17 31.86 3.86
N LYS D 5 -10.11 32.68 4.91
CA LYS D 5 -10.53 34.07 4.79
C LYS D 5 -9.67 34.78 3.76
N GLY D 6 -10.33 35.31 2.73
CA GLY D 6 -9.61 36.00 1.68
C GLY D 6 -8.94 35.06 0.69
N LYS D 7 -9.33 33.78 0.74
CA LYS D 7 -8.78 32.77 -0.17
C LYS D 7 -9.76 32.53 -1.30
N LYS D 8 -9.25 32.64 -2.52
CA LYS D 8 -10.07 32.46 -3.73
C LYS D 8 -9.90 31.06 -4.34
N GLY D 9 -11.01 30.37 -4.54
CA GLY D 9 -10.94 29.04 -5.11
C GLY D 9 -11.94 28.78 -6.24
N LEU D 10 -11.62 27.80 -7.07
CA LEU D 10 -12.49 27.41 -8.18
C LEU D 10 -13.13 26.05 -7.85
N ILE D 11 -14.46 25.97 -7.92
CA ILE D 11 -15.15 24.72 -7.64
C ILE D 11 -15.68 24.14 -8.96
N VAL D 12 -15.13 22.99 -9.34
CA VAL D 12 -15.54 22.34 -10.58
C VAL D 12 -16.31 21.05 -10.33
N GLY D 13 -17.53 20.97 -10.86
CA GLY D 13 -18.30 19.75 -10.70
C GLY D 13 -19.58 19.76 -9.90
N VAL D 14 -20.19 20.93 -9.71
CA VAL D 14 -21.43 21.02 -8.95
C VAL D 14 -22.60 20.63 -9.88
N ALA D 15 -23.45 19.71 -9.43
CA ALA D 15 -24.62 19.27 -10.19
C ALA D 15 -25.88 19.63 -9.43
N ASN D 16 -25.81 19.62 -8.10
CA ASN D 16 -26.93 19.98 -7.24
C ASN D 16 -26.47 20.12 -5.79
N ASN D 17 -27.41 20.42 -4.88
CA ASN D 17 -27.08 20.62 -3.47
C ASN D 17 -26.58 19.35 -2.78
N LYS D 18 -26.51 18.24 -3.50
CA LYS D 18 -26.04 17.00 -2.89
C LYS D 18 -24.64 16.60 -3.37
N SER D 19 -24.13 17.32 -4.36
CA SER D 19 -22.81 17.05 -4.90
C SER D 19 -21.71 17.16 -3.83
N ILE D 20 -20.67 16.34 -3.99
CA ILE D 20 -19.52 16.37 -3.09
C ILE D 20 -18.89 17.75 -3.22
N ALA D 21 -18.82 18.23 -4.45
CA ALA D 21 -18.24 19.53 -4.74
C ALA D 21 -18.95 20.64 -3.99
N TYR D 22 -20.24 20.48 -3.74
CA TYR D 22 -21.02 21.48 -3.02
C TYR D 22 -20.72 21.44 -1.51
N GLY D 23 -20.69 20.23 -0.94
CA GLY D 23 -20.39 20.09 0.47
C GLY D 23 -19.06 20.72 0.80
N ILE D 24 -18.08 20.48 -0.06
CA ILE D 24 -16.75 21.05 0.10
C ILE D 24 -16.84 22.56 -0.03
N ALA D 25 -17.59 23.02 -1.03
CA ALA D 25 -17.77 24.44 -1.24
C ALA D 25 -18.39 25.08 0.00
N GLN D 26 -19.41 24.42 0.52
CA GLN D 26 -20.12 24.87 1.71
C GLN D 26 -19.16 25.03 2.89
N SER D 27 -18.42 23.96 3.19
CA SER D 27 -17.47 23.99 4.28
C SER D 27 -16.40 25.06 4.06
N CYS D 28 -16.01 25.25 2.79
CA CYS D 28 -15.02 26.27 2.45
C CYS D 28 -15.63 27.66 2.58
N PHE D 29 -16.90 27.79 2.21
CA PHE D 29 -17.58 29.08 2.29
C PHE D 29 -17.65 29.55 3.75
N ASN D 30 -17.94 28.63 4.66
CA ASN D 30 -18.01 28.92 6.08
C ASN D 30 -16.64 29.24 6.68
N GLN D 31 -15.57 28.96 5.93
CA GLN D 31 -14.22 29.26 6.39
C GLN D 31 -13.66 30.53 5.75
N GLY D 32 -14.56 31.35 5.22
CA GLY D 32 -14.17 32.61 4.62
C GLY D 32 -13.69 32.68 3.18
N ALA D 33 -13.83 31.61 2.41
CA ALA D 33 -13.36 31.63 1.03
C ALA D 33 -14.31 32.30 0.04
N THR D 34 -13.71 32.94 -0.97
CA THR D 34 -14.47 33.57 -2.05
C THR D 34 -14.50 32.46 -3.10
N LEU D 35 -15.69 32.02 -3.47
CA LEU D 35 -15.82 30.94 -4.44
C LEU D 35 -16.18 31.34 -5.85
N ALA D 36 -15.93 30.41 -6.77
CA ALA D 36 -16.23 30.52 -8.19
C ALA D 36 -16.62 29.11 -8.61
N PHE D 37 -17.66 28.99 -9.42
CA PHE D 37 -18.13 27.68 -9.85
C PHE D 37 -18.17 27.53 -11.36
N THR D 38 -18.37 26.29 -11.80
CA THR D 38 -18.46 26.00 -13.23
C THR D 38 -19.53 24.96 -13.51
N TYR D 39 -20.12 25.01 -14.70
CA TYR D 39 -21.14 24.04 -15.06
C TYR D 39 -20.86 23.45 -16.43
N LEU D 40 -21.34 22.23 -16.60
CA LEU D 40 -21.17 21.46 -17.83
C LEU D 40 -22.02 21.99 -18.98
N ASN D 41 -23.34 22.04 -18.76
CA ASN D 41 -24.28 22.51 -19.76
C ASN D 41 -25.31 23.41 -19.11
N GLU D 42 -26.11 24.07 -19.94
CA GLU D 42 -27.16 24.96 -19.45
C GLU D 42 -28.18 24.28 -18.54
N SER D 43 -28.36 22.98 -18.69
CA SER D 43 -29.32 22.24 -17.87
C SER D 43 -28.86 22.13 -16.41
N LEU D 44 -27.57 22.36 -16.20
CA LEU D 44 -26.97 22.30 -14.87
C LEU D 44 -26.74 23.69 -14.32
N GLU D 45 -26.73 24.68 -15.22
CA GLU D 45 -26.55 26.06 -14.80
C GLU D 45 -27.76 26.48 -13.97
N LYS D 46 -28.91 25.82 -14.20
CA LYS D 46 -30.14 26.11 -13.49
C LYS D 46 -30.07 25.69 -12.02
N ARG D 47 -29.09 24.84 -11.70
CA ARG D 47 -28.90 24.36 -10.33
C ARG D 47 -27.64 24.91 -9.67
N VAL D 48 -26.71 25.37 -10.51
CA VAL D 48 -25.44 25.91 -10.05
C VAL D 48 -25.54 27.39 -9.69
N ARG D 49 -26.25 28.16 -10.51
CA ARG D 49 -26.43 29.58 -10.28
C ARG D 49 -26.95 29.85 -8.86
N PRO D 50 -28.14 29.32 -8.52
CA PRO D 50 -28.69 29.54 -7.17
C PRO D 50 -27.75 29.09 -6.06
N ILE D 51 -27.08 27.96 -6.26
CA ILE D 51 -26.15 27.47 -5.26
C ILE D 51 -25.01 28.48 -5.14
N ALA D 52 -24.53 28.96 -6.28
CA ALA D 52 -23.45 29.93 -6.28
C ALA D 52 -23.91 31.21 -5.59
N GLN D 53 -25.16 31.61 -5.82
CA GLN D 53 -25.70 32.82 -5.20
C GLN D 53 -25.77 32.67 -3.67
N GLU D 54 -26.38 31.58 -3.23
CA GLU D 54 -26.52 31.28 -1.81
C GLU D 54 -25.15 31.26 -1.11
N LEU D 55 -24.11 30.87 -1.84
CA LEU D 55 -22.76 30.82 -1.27
C LEU D 55 -21.99 32.08 -1.56
N ASN D 56 -22.70 33.16 -1.89
CA ASN D 56 -22.06 34.45 -2.14
C ASN D 56 -21.28 34.63 -3.43
N SER D 57 -21.43 33.72 -4.40
CA SER D 57 -20.63 33.85 -5.62
C SER D 57 -21.33 34.31 -6.91
N PRO D 58 -20.75 35.34 -7.58
CA PRO D 58 -21.28 35.90 -8.84
C PRO D 58 -20.39 35.42 -10.00
N TYR D 59 -19.50 34.48 -9.72
CA TYR D 59 -18.59 33.96 -10.73
C TYR D 59 -18.99 32.55 -11.13
N VAL D 60 -19.84 32.44 -12.15
CA VAL D 60 -20.31 31.14 -12.63
C VAL D 60 -19.95 30.93 -14.10
N TYR D 61 -18.99 30.06 -14.36
CA TYR D 61 -18.53 29.82 -15.73
C TYR D 61 -18.86 28.44 -16.27
N GLU D 62 -18.93 28.36 -17.60
CA GLU D 62 -19.23 27.12 -18.30
C GLU D 62 -17.94 26.39 -18.57
N LEU D 63 -17.99 25.07 -18.33
CA LEU D 63 -16.82 24.28 -18.55
C LEU D 63 -17.12 22.80 -18.71
N ASP D 64 -17.00 22.32 -19.95
CA ASP D 64 -17.19 20.91 -20.27
C ASP D 64 -15.76 20.46 -20.56
N VAL D 65 -15.17 19.78 -19.60
CA VAL D 65 -13.80 19.32 -19.71
C VAL D 65 -13.46 18.63 -21.04
N SER D 66 -14.48 18.16 -21.75
CA SER D 66 -14.28 17.49 -23.04
C SER D 66 -14.00 18.49 -24.15
N LYS D 67 -14.20 19.77 -23.87
CA LYS D 67 -13.97 20.84 -24.83
C LYS D 67 -12.84 21.79 -24.45
N GLU D 68 -11.71 21.67 -25.15
CA GLU D 68 -10.54 22.49 -24.88
C GLU D 68 -10.70 23.99 -24.96
N GLU D 69 -11.69 24.46 -25.71
CA GLU D 69 -11.90 25.89 -25.82
C GLU D 69 -12.46 26.42 -24.51
N HIS D 70 -13.23 25.60 -23.80
CA HIS D 70 -13.81 26.02 -22.51
C HIS D 70 -12.71 26.35 -21.51
N PHE D 71 -11.56 25.70 -21.66
CA PHE D 71 -10.43 25.94 -20.76
C PHE D 71 -9.82 27.32 -20.97
N LYS D 72 -9.75 27.75 -22.22
CA LYS D 72 -9.20 29.08 -22.54
C LYS D 72 -10.11 30.19 -21.98
N SER D 73 -11.42 29.97 -22.02
CA SER D 73 -12.37 30.94 -21.50
C SER D 73 -12.27 30.99 -19.98
N LEU D 74 -12.15 29.82 -19.36
CA LEU D 74 -12.00 29.72 -17.91
C LEU D 74 -10.85 30.64 -17.52
N TYR D 75 -9.66 30.36 -18.05
CA TYR D 75 -8.49 31.15 -17.75
C TYR D 75 -8.82 32.64 -17.79
N ASN D 76 -9.39 33.08 -18.91
CA ASN D 76 -9.77 34.50 -19.08
C ASN D 76 -10.82 34.93 -18.06
N SER D 77 -11.75 34.03 -17.75
CA SER D 77 -12.79 34.34 -16.79
C SER D 77 -12.27 34.56 -15.37
N VAL D 78 -11.36 33.71 -14.90
CA VAL D 78 -10.84 33.88 -13.55
C VAL D 78 -9.78 35.00 -13.49
N LYS D 79 -8.98 35.14 -14.54
CA LYS D 79 -7.96 36.18 -14.55
C LYS D 79 -8.60 37.57 -14.50
N LYS D 80 -9.73 37.73 -15.18
CA LYS D 80 -10.42 39.01 -15.22
C LYS D 80 -11.30 39.22 -13.99
N ASP D 81 -12.07 38.21 -13.62
CA ASP D 81 -12.97 38.33 -12.47
C ASP D 81 -12.32 38.16 -11.09
N LEU D 82 -11.25 37.37 -11.00
CA LEU D 82 -10.63 37.11 -9.70
C LEU D 82 -9.13 37.31 -9.57
N GLY D 83 -8.44 37.51 -10.70
CA GLY D 83 -7.00 37.76 -10.67
C GLY D 83 -6.08 36.59 -10.38
N SER D 84 -6.45 35.76 -9.41
CA SER D 84 -5.65 34.58 -9.07
C SER D 84 -6.50 33.57 -8.31
N LEU D 85 -5.96 32.37 -8.17
CA LEU D 85 -6.63 31.29 -7.47
C LEU D 85 -5.76 30.73 -6.33
N ASP D 86 -6.39 30.43 -5.19
CA ASP D 86 -5.67 29.85 -4.05
C ASP D 86 -5.95 28.36 -3.98
N PHE D 87 -7.10 27.94 -4.48
CA PHE D 87 -7.43 26.52 -4.45
C PHE D 87 -8.41 26.07 -5.51
N ILE D 88 -8.22 24.84 -5.99
CA ILE D 88 -9.07 24.26 -7.03
C ILE D 88 -9.72 22.95 -6.61
N VAL D 89 -11.02 22.81 -6.87
CA VAL D 89 -11.70 21.57 -6.54
C VAL D 89 -12.09 20.82 -7.82
N HIS D 90 -11.45 19.68 -8.02
CA HIS D 90 -11.68 18.83 -9.19
C HIS D 90 -12.54 17.64 -8.80
N SER D 91 -13.85 17.84 -8.92
CA SER D 91 -14.84 16.84 -8.55
C SER D 91 -15.64 16.48 -9.83
N VAL D 92 -15.00 15.78 -10.76
CA VAL D 92 -15.63 15.37 -12.01
C VAL D 92 -15.20 13.97 -12.41
N ALA D 93 -16.14 13.23 -13.01
CA ALA D 93 -15.90 11.86 -13.45
C ALA D 93 -17.08 11.35 -14.25
N PHE D 94 -16.79 10.69 -15.37
CA PHE D 94 -17.85 10.11 -16.18
C PHE D 94 -17.40 8.90 -16.97
N ALA D 95 -18.31 7.95 -17.11
CA ALA D 95 -18.08 6.73 -17.88
C ALA D 95 -19.44 6.24 -18.35
N PRO D 96 -19.52 5.69 -19.57
CA PRO D 96 -20.81 5.21 -20.04
C PRO D 96 -21.47 4.22 -19.07
N LYS D 97 -22.80 4.27 -19.03
CA LYS D 97 -23.62 3.43 -18.16
C LYS D 97 -23.30 1.94 -18.25
N GLU D 98 -23.03 1.47 -19.47
CA GLU D 98 -22.72 0.06 -19.70
C GLU D 98 -21.42 -0.31 -18.98
N ALA D 99 -20.39 0.49 -19.24
CA ALA D 99 -19.06 0.30 -18.66
C ALA D 99 -19.14 0.01 -17.16
N LEU D 100 -20.06 0.67 -16.48
CA LEU D 100 -20.18 0.45 -15.05
C LEU D 100 -21.12 -0.67 -14.61
N GLU D 101 -21.38 -1.60 -15.51
CA GLU D 101 -22.20 -2.74 -15.19
C GLU D 101 -21.63 -3.89 -16.01
N GLY D 102 -22.00 -5.11 -15.66
CA GLY D 102 -21.45 -6.26 -16.38
C GLY D 102 -20.00 -6.42 -15.94
N SER D 103 -19.10 -6.75 -16.86
CA SER D 103 -17.69 -6.92 -16.51
C SER D 103 -16.76 -5.92 -17.18
N LEU D 104 -15.57 -5.75 -16.61
CA LEU D 104 -14.58 -4.85 -17.16
C LEU D 104 -14.12 -5.36 -18.52
N LEU D 105 -14.21 -6.68 -18.70
CA LEU D 105 -13.82 -7.34 -19.94
C LEU D 105 -14.57 -6.83 -21.17
N GLU D 106 -15.87 -6.61 -21.01
CA GLU D 106 -16.73 -6.15 -22.11
C GLU D 106 -16.56 -4.68 -22.49
N THR D 107 -15.73 -3.94 -21.75
CA THR D 107 -15.53 -2.52 -22.00
C THR D 107 -15.03 -2.26 -23.40
N SER D 108 -15.60 -1.24 -24.05
CA SER D 108 -15.20 -0.89 -25.41
C SER D 108 -14.06 0.11 -25.35
N LYS D 109 -13.31 0.22 -26.45
CA LYS D 109 -12.20 1.17 -26.51
C LYS D 109 -12.77 2.56 -26.31
N SER D 110 -13.95 2.79 -26.85
CA SER D 110 -14.61 4.08 -26.78
C SER D 110 -14.86 4.53 -25.34
N ALA D 111 -15.58 3.69 -24.60
CA ALA D 111 -15.92 3.97 -23.22
C ALA D 111 -14.67 4.05 -22.35
N PHE D 112 -13.61 3.35 -22.74
CA PHE D 112 -12.36 3.38 -21.99
C PHE D 112 -11.77 4.79 -22.10
N ASN D 113 -11.77 5.31 -23.32
CA ASN D 113 -11.22 6.62 -23.58
C ASN D 113 -12.06 7.75 -22.97
N THR D 114 -13.36 7.55 -22.89
CA THR D 114 -14.25 8.55 -22.32
C THR D 114 -14.08 8.61 -20.81
N ALA D 115 -13.91 7.46 -20.19
CA ALA D 115 -13.72 7.41 -18.74
C ALA D 115 -12.42 8.10 -18.37
N MET D 116 -11.34 7.65 -18.99
CA MET D 116 -10.00 8.19 -18.73
C MET D 116 -9.92 9.71 -18.96
N GLU D 117 -10.46 10.17 -20.08
CA GLU D 117 -10.41 11.58 -20.42
C GLU D 117 -11.14 12.51 -19.47
N ILE D 118 -12.42 12.26 -19.26
CA ILE D 118 -13.22 13.10 -18.39
C ILE D 118 -12.84 12.96 -16.91
N SER D 119 -12.47 11.76 -16.51
CA SER D 119 -12.14 11.53 -15.11
C SER D 119 -10.66 11.66 -14.72
N VAL D 120 -9.76 11.63 -15.69
CA VAL D 120 -8.34 11.76 -15.34
C VAL D 120 -7.62 12.89 -16.04
N TYR D 121 -7.65 12.88 -17.36
CA TYR D 121 -6.96 13.91 -18.12
C TYR D 121 -7.40 15.32 -17.78
N SER D 122 -8.67 15.47 -17.45
CA SER D 122 -9.22 16.78 -17.09
C SER D 122 -8.50 17.42 -15.89
N LEU D 123 -7.98 16.61 -14.97
CA LEU D 123 -7.25 17.16 -13.80
C LEU D 123 -5.96 17.80 -14.32
N ILE D 124 -5.35 17.14 -15.29
CA ILE D 124 -4.13 17.63 -15.92
C ILE D 124 -4.35 18.96 -16.69
N GLU D 125 -5.42 19.04 -17.47
CA GLU D 125 -5.66 20.25 -18.25
C GLU D 125 -6.11 21.38 -17.34
N LEU D 126 -7.00 21.05 -16.41
CA LEU D 126 -7.53 22.03 -15.46
C LEU D 126 -6.41 22.77 -14.71
N THR D 127 -5.46 22.00 -14.20
CA THR D 127 -4.34 22.52 -13.43
C THR D 127 -3.30 23.21 -14.28
N ASN D 128 -3.02 22.64 -15.45
CA ASN D 128 -2.02 23.24 -16.31
C ASN D 128 -2.52 24.54 -16.95
N THR D 129 -3.81 24.61 -17.22
CA THR D 129 -4.36 25.81 -17.81
C THR D 129 -4.37 26.91 -16.75
N LEU D 130 -4.88 26.60 -15.57
CA LEU D 130 -4.97 27.58 -14.48
C LEU D 130 -3.66 27.86 -13.77
N LYS D 131 -2.65 27.04 -14.05
CA LYS D 131 -1.37 27.17 -13.37
C LYS D 131 -0.85 28.58 -13.17
N PRO D 132 -0.81 29.41 -14.23
CA PRO D 132 -0.32 30.80 -14.13
C PRO D 132 -1.16 31.67 -13.18
N LEU D 133 -2.31 31.18 -12.79
CA LEU D 133 -3.17 31.93 -11.89
C LEU D 133 -3.17 31.36 -10.47
N LEU D 134 -2.31 30.37 -10.22
CA LEU D 134 -2.19 29.75 -8.90
C LEU D 134 -1.13 30.41 -8.02
N ASN D 135 -1.57 30.94 -6.89
CA ASN D 135 -0.67 31.59 -5.96
C ASN D 135 0.19 30.57 -5.25
N ASN D 136 1.27 31.06 -4.62
CA ASN D 136 2.13 30.18 -3.85
C ASN D 136 1.24 29.59 -2.78
N GLY D 137 1.52 28.36 -2.37
CA GLY D 137 0.73 27.72 -1.33
C GLY D 137 -0.66 27.28 -1.76
N ALA D 138 -0.96 27.40 -3.05
CA ALA D 138 -2.26 26.97 -3.57
C ALA D 138 -2.41 25.46 -3.31
N SER D 139 -3.65 24.97 -3.33
CA SER D 139 -3.95 23.55 -3.05
C SER D 139 -4.93 23.01 -4.10
N VAL D 140 -4.63 21.84 -4.66
CA VAL D 140 -5.48 21.22 -5.68
C VAL D 140 -6.03 19.89 -5.16
N LEU D 141 -7.35 19.82 -5.06
CA LEU D 141 -7.96 18.62 -4.55
C LEU D 141 -8.88 17.93 -5.55
N THR D 142 -8.79 16.60 -5.62
CA THR D 142 -9.63 15.80 -6.50
C THR D 142 -10.34 14.72 -5.66
N LEU D 143 -11.27 13.97 -6.27
CA LEU D 143 -12.00 12.92 -5.54
C LEU D 143 -11.76 11.54 -6.14
N SER D 144 -11.56 10.56 -5.28
CA SER D 144 -11.35 9.20 -5.73
C SER D 144 -12.16 8.22 -4.88
N TYR D 145 -12.00 6.93 -5.18
CA TYR D 145 -12.75 5.91 -4.48
C TYR D 145 -11.93 4.66 -4.28
N LEU D 146 -12.17 3.96 -3.16
CA LEU D 146 -11.44 2.75 -2.84
C LEU D 146 -11.33 1.79 -4.04
N GLY D 147 -12.23 1.95 -5.01
CA GLY D 147 -12.21 1.09 -6.19
C GLY D 147 -10.96 1.25 -7.01
N SER D 148 -10.19 2.28 -6.69
CA SER D 148 -8.94 2.57 -7.37
C SER D 148 -7.87 1.54 -7.08
N THR D 149 -7.85 1.00 -5.86
CA THR D 149 -6.84 0.00 -5.49
C THR D 149 -7.38 -1.30 -4.96
N LYS D 150 -8.69 -1.48 -5.00
CA LYS D 150 -9.31 -2.72 -4.53
C LYS D 150 -10.51 -3.00 -5.41
N TYR D 151 -10.91 -4.25 -5.49
CA TYR D 151 -12.08 -4.57 -6.29
C TYR D 151 -13.35 -4.14 -5.59
N MET D 152 -14.18 -3.39 -6.33
CA MET D 152 -15.47 -2.94 -5.85
C MET D 152 -16.44 -3.26 -6.99
N ALA D 153 -17.53 -3.92 -6.63
CA ALA D 153 -18.57 -4.38 -7.56
C ALA D 153 -18.91 -3.46 -8.72
N HIS D 154 -18.73 -3.99 -9.93
CA HIS D 154 -19.03 -3.29 -11.18
C HIS D 154 -18.43 -1.90 -11.35
N TYR D 155 -17.50 -1.55 -10.48
CA TYR D 155 -16.77 -0.28 -10.60
C TYR D 155 -15.89 -0.26 -11.84
N ASN D 156 -15.30 -1.41 -12.15
CA ASN D 156 -14.78 -1.66 -13.49
C ASN D 156 -13.83 -0.55 -13.96
N VAL D 157 -14.13 0.04 -15.11
CA VAL D 157 -13.21 0.95 -15.77
C VAL D 157 -12.98 2.21 -14.93
N MET D 158 -14.00 2.59 -14.16
CA MET D 158 -13.91 3.76 -13.31
C MET D 158 -12.79 3.49 -12.31
N GLY D 159 -12.63 2.22 -11.95
CA GLY D 159 -11.58 1.83 -11.03
C GLY D 159 -10.21 2.08 -11.62
N LEU D 160 -10.07 1.92 -12.94
CA LEU D 160 -8.78 2.16 -13.61
C LEU D 160 -8.52 3.65 -13.61
N ALA D 161 -9.53 4.43 -13.99
CA ALA D 161 -9.42 5.90 -14.01
C ALA D 161 -8.95 6.43 -12.66
N LYS D 162 -9.65 6.05 -11.59
CA LYS D 162 -9.31 6.51 -10.26
C LYS D 162 -7.89 6.11 -9.84
N ALA D 163 -7.38 5.02 -10.39
CA ALA D 163 -6.04 4.60 -10.04
C ALA D 163 -5.05 5.50 -10.78
N ALA D 164 -5.36 5.85 -12.03
CA ALA D 164 -4.48 6.73 -12.76
C ALA D 164 -4.59 8.10 -12.10
N LEU D 165 -5.80 8.44 -11.67
CA LEU D 165 -6.07 9.74 -11.03
C LEU D 165 -5.19 9.97 -9.81
N GLU D 166 -5.03 8.94 -8.97
CA GLU D 166 -4.18 9.03 -7.79
C GLU D 166 -2.72 9.09 -8.20
N SER D 167 -2.38 8.40 -9.29
CA SER D 167 -1.01 8.44 -9.74
C SER D 167 -0.72 9.85 -10.27
N ALA D 168 -1.69 10.45 -10.96
CA ALA D 168 -1.53 11.81 -11.49
C ALA D 168 -1.40 12.80 -10.33
N VAL D 169 -2.12 12.50 -9.25
CA VAL D 169 -2.06 13.35 -8.08
C VAL D 169 -0.62 13.30 -7.54
N ARG D 170 0.01 12.13 -7.63
CA ARG D 170 1.39 11.95 -7.17
C ARG D 170 2.41 12.72 -8.01
N TYR D 171 2.27 12.67 -9.34
CA TYR D 171 3.17 13.38 -10.27
C TYR D 171 2.90 14.88 -10.34
N LEU D 172 1.64 15.27 -10.27
CA LEU D 172 1.30 16.69 -10.28
C LEU D 172 1.84 17.33 -8.99
N ALA D 173 1.75 16.62 -7.88
CA ALA D 173 2.25 17.14 -6.59
C ALA D 173 3.75 17.46 -6.70
N VAL D 174 4.47 16.70 -7.51
CA VAL D 174 5.90 16.93 -7.69
C VAL D 174 6.16 18.05 -8.71
N ASP D 175 5.27 18.19 -9.69
CA ASP D 175 5.44 19.22 -10.69
C ASP D 175 5.16 20.60 -10.14
N LEU D 176 4.12 20.70 -9.31
CA LEU D 176 3.69 21.98 -8.74
C LEU D 176 4.25 22.25 -7.35
N GLY D 177 4.93 21.28 -6.78
CA GLY D 177 5.53 21.47 -5.47
C GLY D 177 6.68 22.44 -5.60
N LYS D 178 7.36 22.38 -6.74
CA LYS D 178 8.48 23.27 -7.03
C LYS D 178 8.04 24.71 -6.80
N HIS D 179 6.75 24.96 -7.04
CA HIS D 179 6.16 26.29 -6.88
C HIS D 179 5.28 26.38 -5.64
N HIS D 180 5.55 25.50 -4.68
CA HIS D 180 4.82 25.47 -3.42
C HIS D 180 3.31 25.26 -3.51
N ILE D 181 2.86 24.52 -4.52
CA ILE D 181 1.45 24.24 -4.67
C ILE D 181 1.22 22.79 -4.23
N ARG D 182 0.12 22.52 -3.53
CA ARG D 182 -0.17 21.16 -3.09
C ARG D 182 -1.22 20.46 -3.95
N VAL D 183 -1.08 19.14 -4.06
CA VAL D 183 -1.99 18.31 -4.84
C VAL D 183 -2.36 17.08 -4.05
N ASN D 184 -3.64 16.92 -3.77
CA ASN D 184 -4.09 15.76 -3.02
C ASN D 184 -5.37 15.20 -3.58
N ALA D 185 -5.74 14.04 -3.03
CA ALA D 185 -6.97 13.35 -3.42
C ALA D 185 -7.74 12.95 -2.16
N LEU D 186 -9.04 13.17 -2.20
CA LEU D 186 -9.88 12.80 -1.08
C LEU D 186 -10.66 11.57 -1.53
N SER D 187 -10.40 10.43 -0.90
CA SER D 187 -11.13 9.22 -1.26
C SER D 187 -12.33 9.08 -0.34
N ALA D 188 -13.50 9.47 -0.85
CA ALA D 188 -14.72 9.41 -0.05
C ALA D 188 -15.38 8.07 -0.11
N GLY D 189 -16.20 7.79 0.90
CA GLY D 189 -16.92 6.53 0.94
C GLY D 189 -18.23 6.75 0.20
N PRO D 190 -19.01 5.68 -0.08
CA PRO D 190 -20.29 5.83 -0.81
C PRO D 190 -21.17 6.89 -0.13
N ILE D 191 -21.83 7.70 -0.97
CA ILE D 191 -22.71 8.76 -0.49
C ILE D 191 -23.69 9.13 -1.61
N ARG D 192 -24.94 9.41 -1.24
CA ARG D 192 -25.99 9.75 -2.21
C ARG D 192 -25.83 11.05 -3.01
N THR D 193 -25.59 10.90 -4.30
CA THR D 193 -25.47 12.05 -5.20
C THR D 193 -26.17 11.74 -6.52
N LEU D 194 -26.29 12.73 -7.39
CA LEU D 194 -26.93 12.53 -8.68
C LEU D 194 -26.29 11.35 -9.41
N ALA D 195 -24.99 11.41 -9.64
CA ALA D 195 -24.24 10.37 -10.32
C ALA D 195 -24.36 8.98 -9.67
N SER D 196 -24.27 8.92 -8.35
CA SER D 196 -24.36 7.64 -7.66
C SER D 196 -25.77 7.05 -7.73
N SER D 197 -26.78 7.89 -7.50
CA SER D 197 -28.18 7.47 -7.54
C SER D 197 -28.52 6.69 -8.81
N GLY D 198 -27.77 6.97 -9.89
CA GLY D 198 -28.02 6.29 -11.15
C GLY D 198 -27.21 5.02 -11.31
N ILE D 199 -26.48 4.65 -10.27
CA ILE D 199 -25.64 3.45 -10.29
C ILE D 199 -26.40 2.20 -9.84
N ALA D 200 -26.12 1.09 -10.51
CA ALA D 200 -26.75 -0.18 -10.21
C ALA D 200 -26.49 -0.68 -8.80
N ASP D 201 -27.56 -1.11 -8.14
CA ASP D 201 -27.49 -1.69 -6.79
C ASP D 201 -26.69 -0.83 -5.81
N PHE D 202 -26.88 0.48 -5.87
CA PHE D 202 -26.12 1.37 -5.00
C PHE D 202 -26.51 1.31 -3.53
N ARG D 203 -27.78 1.03 -3.24
CA ARG D 203 -28.23 0.95 -1.85
C ARG D 203 -27.46 -0.16 -1.13
N MET D 204 -27.16 -1.24 -1.84
CA MET D 204 -26.42 -2.36 -1.27
C MET D 204 -25.00 -1.92 -0.89
N ILE D 205 -24.31 -1.30 -1.83
CA ILE D 205 -22.94 -0.83 -1.58
C ILE D 205 -22.98 0.01 -0.31
N LEU D 206 -24.00 0.87 -0.23
CA LEU D 206 -24.19 1.77 0.90
C LEU D 206 -24.45 1.04 2.22
N LYS D 207 -25.42 0.13 2.23
CA LYS D 207 -25.73 -0.62 3.46
C LYS D 207 -24.51 -1.46 3.85
N TRP D 208 -23.81 -1.98 2.86
CA TRP D 208 -22.64 -2.80 3.17
C TRP D 208 -21.55 -2.01 3.87
N ASN D 209 -21.33 -0.76 3.46
CA ASN D 209 -20.32 0.09 4.09
C ASN D 209 -20.79 0.53 5.47
N GLU D 210 -22.09 0.77 5.60
CA GLU D 210 -22.66 1.17 6.87
C GLU D 210 -22.45 0.12 7.97
N ILE D 211 -22.75 -1.14 7.63
CA ILE D 211 -22.63 -2.24 8.59
C ILE D 211 -21.21 -2.72 8.81
N ASN D 212 -20.38 -2.65 7.78
CA ASN D 212 -19.02 -3.12 7.91
C ASN D 212 -17.98 -2.05 8.30
N ALA D 213 -18.31 -0.78 8.10
CA ALA D 213 -17.42 0.31 8.45
C ALA D 213 -17.20 0.31 9.97
N PRO D 214 -15.99 0.64 10.44
CA PRO D 214 -15.72 0.66 11.88
C PRO D 214 -16.62 1.65 12.65
N LEU D 215 -16.87 2.83 12.10
CA LEU D 215 -17.73 3.81 12.76
C LEU D 215 -19.20 3.47 12.55
N ARG D 216 -19.44 2.30 11.97
CA ARG D 216 -20.78 1.78 11.71
C ARG D 216 -21.79 2.75 11.14
N LYS D 217 -21.38 3.61 10.23
CA LYS D 217 -22.31 4.55 9.62
C LYS D 217 -21.81 4.87 8.25
N ASN D 218 -22.56 5.72 7.56
CA ASN D 218 -22.15 6.16 6.25
C ASN D 218 -21.69 7.58 6.50
N VAL D 219 -20.76 8.05 5.69
CA VAL D 219 -20.25 9.41 5.85
C VAL D 219 -21.26 10.41 5.34
N SER D 220 -21.30 11.57 5.97
CA SER D 220 -22.23 12.61 5.56
C SER D 220 -21.52 13.53 4.58
N LEU D 221 -22.31 14.38 3.92
CA LEU D 221 -21.77 15.32 2.96
C LEU D 221 -20.94 16.36 3.70
N GLU D 222 -21.31 16.63 4.95
CA GLU D 222 -20.59 17.61 5.76
C GLU D 222 -19.17 17.11 6.10
N GLU D 223 -19.05 15.82 6.44
CA GLU D 223 -17.76 15.22 6.77
C GLU D 223 -16.83 15.25 5.56
N VAL D 224 -17.32 14.79 4.41
CA VAL D 224 -16.52 14.82 3.18
C VAL D 224 -16.15 16.30 2.94
N GLY D 225 -17.12 17.18 3.15
CA GLY D 225 -16.91 18.60 2.96
C GLY D 225 -15.81 19.20 3.82
N ASN D 226 -15.84 18.88 5.11
CA ASN D 226 -14.85 19.39 6.06
C ASN D 226 -13.47 18.78 5.80
N ALA D 227 -13.44 17.52 5.38
CA ALA D 227 -12.16 16.88 5.09
C ALA D 227 -11.49 17.58 3.90
N GLY D 228 -12.28 17.94 2.89
CA GLY D 228 -11.76 18.62 1.73
C GLY D 228 -11.32 20.05 2.01
N MET D 229 -12.13 20.77 2.80
CA MET D 229 -11.81 22.14 3.21
C MET D 229 -10.46 22.11 3.94
N TYR D 230 -10.26 21.08 4.76
CA TYR D 230 -9.02 20.90 5.49
C TYR D 230 -7.87 20.81 4.48
N LEU D 231 -7.99 19.86 3.54
CA LEU D 231 -6.98 19.63 2.51
C LEU D 231 -6.66 20.85 1.68
N LEU D 232 -7.68 21.66 1.43
CA LEU D 232 -7.56 22.87 0.64
C LEU D 232 -7.10 24.10 1.43
N SER D 233 -6.90 23.95 2.74
CA SER D 233 -6.47 25.09 3.55
C SER D 233 -5.04 24.98 4.04
N SER D 234 -4.52 26.08 4.58
CA SER D 234 -3.15 26.11 5.08
C SER D 234 -3.03 25.15 6.25
N LEU D 235 -4.18 24.75 6.79
CA LEU D 235 -4.20 23.82 7.91
C LEU D 235 -3.45 22.57 7.52
N SER D 236 -3.41 22.27 6.22
CA SER D 236 -2.71 21.08 5.71
C SER D 236 -1.56 21.43 4.76
N SER D 237 -0.91 22.56 5.01
CA SER D 237 0.21 23.02 4.18
C SER D 237 1.43 22.12 4.26
N GLY D 238 1.36 21.05 5.05
CA GLY D 238 2.48 20.13 5.15
C GLY D 238 2.17 18.82 4.39
N VAL D 239 0.93 18.71 3.92
CA VAL D 239 0.45 17.53 3.23
C VAL D 239 0.33 17.66 1.74
N SER D 240 0.88 16.69 1.01
CA SER D 240 0.78 16.70 -0.44
C SER D 240 0.89 15.28 -1.01
N GLY D 241 0.34 15.07 -2.20
CA GLY D 241 0.38 13.78 -2.86
C GLY D 241 -0.33 12.72 -2.03
N GLU D 242 -1.26 13.16 -1.21
CA GLU D 242 -1.96 12.24 -0.33
C GLU D 242 -3.35 11.86 -0.78
N VAL D 243 -3.68 10.60 -0.57
CA VAL D 243 -5.00 10.07 -0.89
C VAL D 243 -5.57 9.94 0.51
N HIS D 244 -6.51 10.83 0.84
CA HIS D 244 -7.11 10.87 2.15
C HIS D 244 -8.53 10.27 2.17
N PHE D 245 -8.67 9.22 2.99
CA PHE D 245 -9.90 8.46 3.16
C PHE D 245 -10.91 9.01 4.17
N VAL D 246 -12.09 9.38 3.66
CA VAL D 246 -13.19 9.87 4.50
C VAL D 246 -14.26 8.81 4.21
N ASP D 247 -14.14 7.68 4.91
CA ASP D 247 -15.00 6.53 4.68
C ASP D 247 -15.44 5.81 5.97
N ALA D 248 -15.69 6.57 7.04
CA ALA D 248 -16.07 5.95 8.29
C ALA D 248 -15.06 4.86 8.65
N GLY D 249 -13.84 4.95 8.10
CA GLY D 249 -12.80 3.97 8.39
C GLY D 249 -12.95 2.63 7.67
N TYR D 250 -13.82 2.60 6.66
CA TYR D 250 -14.06 1.37 5.93
C TYR D 250 -12.83 0.72 5.30
N HIS D 251 -11.93 1.53 4.76
CA HIS D 251 -10.73 1.02 4.10
C HIS D 251 -9.88 0.03 4.90
N VAL D 252 -9.93 0.10 6.22
CA VAL D 252 -9.15 -0.81 7.06
C VAL D 252 -9.63 -2.26 7.05
N MET D 253 -10.90 -2.48 6.73
CA MET D 253 -11.46 -3.84 6.76
C MET D 253 -10.81 -4.86 5.79
N GLY D 254 -10.49 -6.02 6.33
CA GLY D 254 -9.89 -7.06 5.52
C GLY D 254 -10.92 -8.10 5.17
N MET D 255 -12.07 -8.00 5.83
CA MET D 255 -13.19 -8.92 5.64
C MET D 255 -14.42 -8.24 6.22
N GLY D 256 -15.57 -8.91 6.15
CA GLY D 256 -16.77 -8.33 6.71
C GLY D 256 -16.68 -8.23 8.22
N ALA D 257 -17.44 -7.31 8.80
CA ALA D 257 -17.42 -7.12 10.25
C ALA D 257 -18.01 -8.31 10.98
N VAL D 258 -17.70 -8.43 12.28
CA VAL D 258 -18.21 -9.53 13.09
C VAL D 258 -18.23 -9.13 14.55
N GLU D 259 -17.25 -8.34 14.92
CA GLU D 259 -17.03 -7.82 16.27
C GLU D 259 -18.11 -8.06 17.32
N GLU D 260 -18.95 -7.05 17.56
CA GLU D 260 -20.01 -7.10 18.56
C GLU D 260 -20.55 -8.53 18.84
N LYS D 261 -20.82 -9.30 17.80
CA LYS D 261 -21.34 -10.67 17.97
C LYS D 261 -20.25 -11.75 18.04
N ASP D 262 -20.13 -12.41 19.19
CA ASP D 262 -19.11 -13.45 19.37
C ASP D 262 -19.60 -14.76 19.97
N ASN D 263 -20.82 -15.17 19.65
CA ASN D 263 -21.35 -16.42 20.19
C ASN D 263 -20.57 -17.54 19.51
N LYS D 264 -20.37 -17.35 18.22
CA LYS D 264 -19.63 -18.27 17.39
C LYS D 264 -18.94 -17.35 16.39
N ALA D 265 -19.03 -16.06 16.65
CA ALA D 265 -18.47 -15.04 15.79
C ALA D 265 -19.30 -15.03 14.51
N THR D 266 -20.22 -14.07 14.40
CA THR D 266 -21.06 -14.00 13.20
C THR D 266 -20.96 -12.67 12.49
N LEU D 267 -21.15 -12.69 11.19
CA LEU D 267 -21.11 -11.48 10.37
C LEU D 267 -22.19 -10.51 10.80
N LEU D 268 -21.86 -9.22 10.91
CA LEU D 268 -22.84 -8.21 11.28
C LEU D 268 -23.84 -8.08 10.13
N TRP D 269 -23.42 -8.49 8.95
CA TRP D 269 -24.26 -8.44 7.77
C TRP D 269 -25.40 -9.47 7.88
N ASP D 270 -25.06 -10.66 8.38
CA ASP D 270 -26.05 -11.71 8.55
C ASP D 270 -27.08 -11.42 9.63
N LEU D 271 -26.93 -10.30 10.31
CA LEU D 271 -27.86 -9.94 11.37
C LEU D 271 -28.59 -8.64 11.09
N HIS D 272 -28.03 -7.83 10.20
CA HIS D 272 -28.65 -6.55 9.86
C HIS D 272 -29.09 -6.47 8.41
N LYS D 273 -30.40 -6.30 8.21
CA LYS D 273 -30.97 -6.19 6.87
C LYS D 273 -30.86 -7.45 6.01
N GLU D 274 -30.60 -8.58 6.66
CA GLU D 274 -30.47 -9.87 5.99
C GLU D 274 -30.55 -10.91 7.11
N GLN D 275 -31.63 -11.68 7.16
CA GLN D 275 -31.77 -12.71 8.20
C GLN D 275 -31.97 -14.09 7.58
PA NAD E . 1.62 -24.77 12.53
O1A NAD E . 1.68 -25.80 11.47
O2A NAD E . 0.92 -25.28 13.73
O5B NAD E . 3.11 -24.28 12.88
C5B NAD E . 3.38 -23.45 13.99
C4B NAD E . 4.80 -23.77 14.43
O4B NAD E . 5.34 -22.78 15.28
C3B NAD E . 4.83 -25.08 15.19
O3B NAD E . 5.66 -25.98 14.48
C2B NAD E . 5.41 -24.73 16.54
O2B NAD E . 6.34 -25.68 17.00
C1B NAD E . 6.14 -23.45 16.23
N9A NAD E . 6.38 -22.69 17.47
C8A NAD E . 5.47 -22.02 18.24
N7A NAD E . 6.14 -21.47 19.28
C5A NAD E . 7.46 -21.78 19.17
C6A NAD E . 8.58 -21.48 19.94
N6A NAD E . 8.44 -20.97 21.16
N1A NAD E . 9.81 -21.96 19.56
C2A NAD E . 9.95 -22.73 18.42
N3A NAD E . 8.84 -23.02 17.66
C4A NAD E . 7.62 -22.55 18.03
O3 NAD E . 0.95 -23.43 11.97
PN NAD E . 1.02 -22.95 10.44
O1N NAD E . 1.07 -24.11 9.53
O2N NAD E . -0.03 -21.93 10.29
O5D NAD E . 2.46 -22.23 10.22
C5D NAD E . 3.05 -21.31 11.09
C4D NAD E . 3.34 -20.02 10.33
O4D NAD E . 2.48 -19.78 9.21
C3D NAD E . 3.13 -18.88 11.32
O3D NAD E . 4.12 -17.90 11.09
C2D NAD E . 1.76 -18.37 10.91
O2D NAD E . 1.57 -17.05 11.34
C1D NAD E . 1.82 -18.53 9.40
N1N NAD E . 0.49 -18.43 8.76
C2N NAD E . -0.44 -19.43 8.86
C3N NAD E . -1.68 -19.34 8.24
C7N NAD E . -2.69 -20.45 8.40
O7N NAD E . -3.95 -20.34 7.76
N7N NAD E . -2.38 -21.51 9.15
C4N NAD E . -1.99 -18.19 7.50
C5N NAD E . -1.04 -17.18 7.42
C6N NAD E . 0.20 -17.30 8.04
C1 TCL F . -2.93 -16.80 10.49
C2 TCL F . -4.00 -17.63 10.19
C6 TCL F . -1.94 -17.24 11.35
C5 TCL F . -2.04 -18.61 11.94
C4 TCL F . -3.13 -19.41 11.62
C3 TCL F . -4.11 -18.91 10.74
C11 TCL F . -0.98 -18.51 16.91
C10 TCL F . 0.01 -19.29 16.33
C9 TCL F . 0.00 -19.49 14.95
C8 TCL F . -1.07 -18.86 14.14
C12 TCL F . -1.97 -17.91 16.15
C13 TCL F . -2.03 -18.08 14.77
O7 TCL F . -1.06 -19.06 12.78
CL14 TCL F . -5.27 -17.04 9.08
CL15 TCL F . -0.95 -18.26 18.70
CL16 TCL F . 1.25 -20.49 14.15
O17 TCL F . -0.89 -16.44 11.66
PA NAD G . 9.93 14.04 21.95
O1A NAD G . 11.18 13.76 22.70
O2A NAD G . 9.69 15.49 21.88
O5B NAD G . 8.67 13.25 22.61
C5B NAD G . 8.73 11.92 23.06
C4B NAD G . 8.13 11.85 24.46
O4B NAD G . 7.94 10.52 24.92
C3B NAD G . 9.05 12.54 25.46
O3B NAD G . 8.31 13.55 26.13
C2B NAD G . 9.47 11.45 26.41
O2B NAD G . 9.66 11.91 27.72
C1B NAD G . 8.28 10.50 26.30
N9A NAD G . 8.62 9.16 26.81
C8A NAD G . 9.68 8.36 26.47
N7A NAD G . 9.60 7.21 27.18
C5A NAD G . 8.50 7.26 27.95
C6A NAD G . 7.94 6.35 28.86
N6A NAD G . 8.66 5.35 29.33
N1A NAD G . 6.76 6.70 29.52
C2A NAD G . 6.16 7.92 29.27
N3A NAD G . 6.72 8.80 28.38
C4A NAD G . 7.87 8.48 27.73
O3 NAD G . 10.00 13.37 20.48
PN NAD G . 8.98 13.77 19.30
O1N NAD G . 8.52 15.17 19.44
O2N NAD G . 9.63 13.31 18.05
O5D NAD G . 7.62 12.95 19.51
C5D NAD G . 7.67 11.56 19.66
C4D NAD G . 6.62 10.87 18.80
O4D NAD G . 6.60 11.34 17.47
C3D NAD G . 7.08 9.43 18.74
O3D NAD G . 5.98 8.56 18.60
C2D NAD G . 7.91 9.44 17.49
O2D NAD G . 8.10 8.13 17.02
C1D NAD G . 7.05 10.30 16.60
N1N NAD G . 7.70 10.82 15.38
C2N NAD G . 8.69 11.77 15.44
C3N NAD G . 9.29 12.27 14.29
C7N NAD G . 10.30 13.38 14.36
O7N NAD G . 11.05 13.72 13.22
N7N NAD G . 10.51 14.05 15.50
C4N NAD G . 8.87 11.78 13.05
C5N NAD G . 7.86 10.82 12.99
C6N NAD G . 7.28 10.34 14.16
C1 TCL H . 11.07 9.14 13.82
C2 TCL H . 11.96 10.18 13.54
C6 TCL H . 10.74 8.87 15.14
C5 TCL H . 11.34 9.71 16.20
C4 TCL H . 12.23 10.74 15.87
C3 TCL H . 12.53 10.96 14.53
C11 TCL H . 13.57 7.16 19.83
C10 TCL H . 12.62 7.93 20.47
C9 TCL H . 11.75 8.70 19.72
C8 TCL H . 11.87 8.68 18.25
C12 TCL H . 13.68 7.13 18.44
C13 TCL H . 12.83 7.88 17.64
O7 TCL H . 11.02 9.44 17.50
CL14 TCL H . 12.34 10.49 11.82
CL15 TCL H . 14.68 6.17 20.79
CL16 TCL H . 10.53 9.73 20.53
O17 TCL H . 9.89 7.87 15.44
PA NAD I . 10.39 -3.66 -25.51
O1A NAD I . 10.66 -2.52 -26.41
O2A NAD I . 11.45 -4.68 -25.66
O5B NAD I . 8.94 -4.29 -25.81
C5B NAD I . 7.78 -3.48 -25.88
C4B NAD I . 6.90 -4.01 -27.00
O4B NAD I . 5.66 -3.33 -27.15
C3B NAD I . 7.64 -3.91 -28.33
O3B NAD I . 7.90 -5.21 -28.81
C2B NAD I . 6.72 -3.12 -29.23
O2B NAD I . 6.71 -3.65 -30.52
C1B NAD I . 5.38 -3.33 -28.54
N9A NAD I . 4.40 -2.32 -28.99
C8A NAD I . 4.48 -0.96 -28.87
N7A NAD I . 3.37 -0.42 -29.43
C5A NAD I . 2.59 -1.42 -29.91
C6A NAD I . 1.36 -1.43 -30.57
N6A NAD I . 0.86 -0.29 -31.03
N1A NAD I . 0.79 -2.64 -30.95
C2A NAD I . 1.45 -3.83 -30.67
N3A NAD I . 2.68 -3.81 -30.02
C4A NAD I . 3.23 -2.63 -29.64
O3 NAD I . 10.17 -3.14 -23.99
PN NAD I . 10.40 -4.04 -22.68
O1N NAD I . 11.14 -5.28 -23.03
O2N NAD I . 10.93 -3.14 -21.65
O5D NAD I . 9.00 -4.62 -22.15
C5D NAD I . 7.75 -4.04 -22.40
C4D NAD I . 6.94 -4.04 -21.12
O4D NAD I . 7.75 -4.10 -19.96
C3D NAD I . 6.16 -2.75 -21.05
O3D NAD I . 4.86 -3.02 -20.57
C2D NAD I . 6.91 -1.93 -20.03
O2D NAD I . 6.08 -0.99 -19.41
C1D NAD I . 7.42 -3.02 -19.10
N1N NAD I . 8.55 -2.63 -18.21
C2N NAD I . 9.82 -2.47 -18.69
C3N NAD I . 10.85 -2.12 -17.82
C7N NAD I . 12.28 -2.09 -18.30
O7N NAD I . 13.27 -1.57 -17.44
N7N NAD I . 12.60 -2.51 -19.53
C4N NAD I . 10.59 -1.92 -16.46
C5N NAD I . 9.29 -2.07 -15.99
C6N NAD I . 8.28 -2.43 -16.88
C1 TCL J . 9.65 1.23 -17.38
C2 TCL J . 11.02 1.32 -17.53
C6 TCL J . 8.85 0.95 -18.47
C5 TCL J . 9.48 0.72 -19.80
C4 TCL J . 10.87 0.82 -19.91
C3 TCL J . 11.64 1.13 -18.77
C11 TCL J . 7.61 3.45 -23.57
C10 TCL J . 7.60 2.13 -24.01
C9 TCL J . 7.95 1.12 -23.13
C8 TCL J . 8.32 1.45 -21.72
C12 TCL J . 7.96 3.77 -22.26
C13 TCL J . 8.32 2.79 -21.34
O7 TCL J . 8.68 0.45 -20.86
CL14 TCL J . 11.99 1.70 -16.07
CL15 TCL J . 7.17 4.76 -24.71
CL16 TCL J . 7.95 -0.58 -23.66
O17 TCL J . 7.50 0.87 -18.34
PA NAD K . -22.26 14.36 -8.81
O1A NAD K . -23.33 13.89 -9.72
O2A NAD K . -22.84 15.23 -7.77
O5B NAD K . -21.12 15.13 -9.65
C5B NAD K . -20.63 14.66 -10.89
C4B NAD K . -20.25 15.88 -11.70
O4B NAD K . -19.38 15.64 -12.79
C3B NAD K . -21.52 16.49 -12.28
O3B NAD K . -21.71 17.75 -11.67
C2B NAD K . -21.26 16.62 -13.76
O2B NAD K . -21.71 17.85 -14.25
C1B NAD K . -19.75 16.54 -13.84
N9A NAD K . -19.29 16.16 -15.19
C8A NAD K . -19.43 14.94 -15.82
N7A NAD K . -18.86 15.02 -17.05
C5A NAD K . -18.35 16.26 -17.21
C6A NAD K . -17.67 16.90 -18.25
N6A NAD K . -17.42 16.27 -19.39
N1A NAD K . -17.26 18.21 -18.12
C2A NAD K . -17.55 18.92 -16.96
N3A NAD K . -18.22 18.28 -15.93
C4A NAD K . -18.62 16.98 -16.05
O3 NAD K . -21.41 13.12 -8.22
PN NAD K . -20.53 13.14 -6.86
O1N NAD K . -21.12 14.10 -5.90
O2N NAD K . -20.30 11.74 -6.49
O5D NAD K . -19.09 13.82 -7.18
C5D NAD K . -18.28 13.44 -8.25
C4D NAD K . -16.88 13.02 -7.80
O4D NAD K . -16.87 12.32 -6.56
C3D NAD K . -16.38 12.04 -8.85
O3D NAD K . -15.01 12.19 -9.06
C2D NAD K . -16.65 10.70 -8.21
O2D NAD K . -15.86 9.75 -8.85
C1D NAD K . -16.29 11.03 -6.76
N1N NAD K . -16.71 10.04 -5.75
C2N NAD K . -18.04 9.89 -5.42
C3N NAD K . -18.45 8.97 -4.45
C7N NAD K . -19.91 8.89 -4.08
O7N NAD K . -20.35 7.95 -3.14
N7N NAD K . -20.80 9.68 -4.64
C4N NAD K . -17.49 8.20 -3.80
C5N NAD K . -16.14 8.36 -4.13
C6N NAD K . -15.75 9.29 -5.10
C1 TCL L . -17.82 6.19 -6.72
C2 TCL L . -19.03 5.90 -6.08
C6 TCL L . -17.78 7.16 -7.71
C5 TCL L . -19.02 7.89 -8.06
C4 TCL L . -20.22 7.58 -7.40
C3 TCL L . -20.21 6.59 -6.41
C11 TCL L . -19.96 8.02 -12.97
C10 TCL L . -19.88 9.36 -12.58
C9 TCL L . -19.54 9.67 -11.28
C8 TCL L . -19.28 8.56 -10.33
C12 TCL L . -19.71 6.99 -12.08
C13 TCL L . -19.37 7.24 -10.77
O7 TCL L . -18.95 8.85 -9.04
CL14 TCL L . -19.02 4.65 -4.81
CL15 TCL L . -20.39 7.63 -14.67
CL16 TCL L . -19.43 11.39 -10.74
O17 TCL L . -16.62 7.44 -8.36
#